data_5VSU
#
_entry.id   5VSU
#
_cell.length_a   70.157
_cell.length_b   114.728
_cell.length_c   179.844
_cell.angle_alpha   90.00
_cell.angle_beta   90.00
_cell.angle_gamma   90.00
#
_symmetry.space_group_name_H-M   'P 21 21 21'
#
loop_
_entity.id
_entity.type
_entity.pdbx_description
1 polymer 'U4/U6 snRNA-associated-splicing factor PRP24'
2 polymer 'U6 snRNA-associated Sm-like protein LSm2'
3 polymer 'U6 snRNA-associated Sm-like protein LSm3'
4 polymer 'U6 snRNA-associated Sm-like protein LSm4'
5 polymer 'U6 snRNA-associated Sm-like protein LSm5'
6 polymer 'U6 snRNA-associated Sm-like protein LSm6'
7 polymer 'U6 snRNA-associated Sm-like protein LSm7'
8 polymer 'U6 snRNA-associated Sm-like protein LSm8'
9 polymer 'Saccharomyces cerevisiae strain T8 chromosome XII sequence'
#
loop_
_entity_poly.entity_id
_entity_poly.type
_entity_poly.pdbx_seq_one_letter_code
_entity_poly.pdbx_strand_id
1 'polypeptide(L)'
;MEYGHHARPDSKRPLDEGSPAAAGLTSKKANEALTRNRELTTVLVKNLPKSYNQNKVYKYFKHCGPIIHVDVADSLKKNF
RFARIEFARYDGALAAITKTHKVVGQNEIIVSHLTECTLWMTNFPPSYTQRNIRDLLQDINVVALSIRLPSLRFNTSRRF
AYIDVTSKEDARYCVEKLNGLKIEGYTLVTKVSNPLEKSKRTDSATLEGREIMIRNLSTELLDENLLRESFEGFGSIEKI
NIPAGQKEHSFNNCCAFMVFENKDSAERALQMNRSLLGNREISVSLADKKPFLERNEVKRLLASRNSKELETLICLFPLS
DKVSPSLICQFLQEEIHINEKDIRKILLVSDFNGAIIIFRDSKFAAKMLMILNGSQFQGKVIRSGTINDMKRYYNNQQNH
SMKHVKPSCINMMEKGPNLQVKKKIPDKQEQMSNDDFRKMFLGELEHHHHHH
;
A
2 'polypeptide(L)'
;MGSMLFFSFFKTLVDQEVVVELKNDIEIKGTLQSVDQFLNLKLDNISCTDEKKYPHLGSVRNIFIRGSTVRYVYLNKNMV
DTNLLQDATRREVMTERK
;
B
3 'polypeptide(L)'
;MGSMETPLDLLKLNLDERVYIKLRGARTLVGTLQAFDSHCNIVLSDAVETIYQLNNEELSESERRCEMVFIRGDTVTLIS
TPSEDDDGAVEI
;
C
4 'polypeptide(L)'
;MGSMLPLYLLTNAKGQQMQIELKNGEIIQGILTNVDNWMNLTLSNVTEYSEESAINSEDNAESSKAVKLNEIYIRGTFIK
FIKLQDNIIDKVKQQI
;
D
5 'polypeptide(L)'
;MGSMSLPEILPLEVIDKTINQKVLIVLQSNREFEGTLVGFDDFVNVILEDAVEWLIDPEDESRNEKVMQHHGRMLLSGNN
IAILVPGGKKTPTEAL
;
E
6 'polypeptide(L)'
;GSMSGKASTEGSVTTEFLSDIIGKTVNVKLASGLLYSGRLESIDGFMNVALSSATEHYESNNNKLLNKFNSDVFLRGTQV
MYISEQKI
;
F
7 'polypeptide(L)'
;MGSMHQQHSKSENKPQQQRKKFEGPKREAILDLAKYKDSKIRVKLMGGKLVIGVLKGYDQLMNLVLDDTVEYMSNPDDEN
NTELISKNARKLGLTVIRGTILVSLSSAEGSDVLYMQK
;
G
8 'polypeptide(L)'
;GSMSATLKDYLNKRVVIIKVDGECLIASLNGFDKNTNLFITNVFNRISKEFICKAQLLRGSEIALVGLIDAENDDSLAPI
DEKKVPMLKDTKNKIENEHVIWEKVYESKTK
;
H
9 'polyribonucleotide'
;GGUCAAUUUGAAACAAUACAGAGAUGAUCAGCGGUUCCCCUGCAUAAGGAUGAACCGUUUUACAAAGAGAUUUAUUUCGU
UU(9QV)
;
I
#
loop_
_chem_comp.id
_chem_comp.type
_chem_comp.name
_chem_comp.formula
9QV RNA linking 'uridine 2',5'-bis(dihydrogen phosphate)' 'C9 H14 N2 O12 P2'
A RNA linking ADENOSINE-5'-MONOPHOSPHATE 'C10 H14 N5 O7 P'
C RNA linking CYTIDINE-5'-MONOPHOSPHATE 'C9 H14 N3 O8 P'
G RNA linking GUANOSINE-5'-MONOPHOSPHATE 'C10 H14 N5 O8 P'
U RNA linking URIDINE-5'-MONOPHOSPHATE 'C9 H13 N2 O9 P'
#
# COMPACT_ATOMS: atom_id res chain seq x y z
N THR A 26 -40.59 18.81 32.05
CA THR A 26 -40.84 18.83 30.62
C THR A 26 -39.54 19.22 29.83
N SER A 27 -39.43 18.80 28.56
CA SER A 27 -38.19 18.90 27.78
C SER A 27 -38.05 20.21 27.02
N LYS A 28 -39.17 20.88 26.72
CA LYS A 28 -39.18 22.25 26.20
C LYS A 28 -38.63 22.37 24.78
N LYS A 29 -39.13 23.39 24.07
CA LYS A 29 -38.72 23.67 22.71
C LYS A 29 -37.76 24.87 22.72
N ALA A 30 -36.53 24.61 23.17
CA ALA A 30 -35.38 25.40 22.80
C ALA A 30 -34.77 24.92 21.46
N ASN A 31 -35.61 24.27 20.63
CA ASN A 31 -35.39 24.21 19.19
C ASN A 31 -35.55 25.58 18.56
N GLU A 32 -36.57 26.32 18.98
CA GLU A 32 -36.70 27.71 18.55
C GLU A 32 -35.49 28.53 18.96
N ALA A 33 -34.83 28.15 20.06
CA ALA A 33 -33.56 28.77 20.41
C ALA A 33 -32.53 28.53 19.33
N LEU A 34 -32.28 27.26 19.00
CA LEU A 34 -31.20 26.93 18.08
C LEU A 34 -31.50 27.38 16.64
N THR A 35 -32.77 27.41 16.26
CA THR A 35 -33.13 27.96 14.96
C THR A 35 -32.94 29.47 14.96
N ARG A 36 -33.34 30.17 16.03
CA ARG A 36 -33.07 31.60 16.09
C ARG A 36 -31.58 31.86 15.99
N ASN A 37 -30.76 31.06 16.68
CA ASN A 37 -29.32 31.19 16.50
C ASN A 37 -28.94 31.04 15.04
N ARG A 38 -29.53 30.07 14.33
CA ARG A 38 -29.08 29.88 12.97
C ARG A 38 -29.39 31.08 12.13
N GLU A 39 -30.62 31.59 12.21
CA GLU A 39 -30.97 32.69 11.31
C GLU A 39 -30.18 33.92 11.68
N LEU A 40 -30.17 34.17 12.98
CA LEU A 40 -29.57 35.31 13.62
C LEU A 40 -28.09 35.48 13.24
N THR A 41 -27.36 34.36 13.07
CA THR A 41 -25.94 34.49 12.74
C THR A 41 -25.64 34.17 11.29
N THR A 42 -26.67 34.05 10.46
CA THR A 42 -26.51 33.75 9.05
C THR A 42 -26.89 35.02 8.27
N VAL A 43 -26.08 35.40 7.29
CA VAL A 43 -26.48 36.54 6.51
C VAL A 43 -26.62 36.15 5.05
N LEU A 44 -27.41 36.96 4.35
CA LEU A 44 -27.63 36.88 2.94
C LEU A 44 -26.98 38.12 2.38
N VAL A 45 -26.16 37.94 1.36
CA VAL A 45 -25.53 39.03 0.63
C VAL A 45 -26.14 38.90 -0.74
N LYS A 46 -26.71 39.98 -1.23
CA LYS A 46 -27.30 40.03 -2.55
C LYS A 46 -26.57 41.01 -3.47
N ASN A 47 -26.50 40.63 -4.76
CA ASN A 47 -25.99 41.46 -5.87
C ASN A 47 -24.48 41.58 -6.00
N LEU A 48 -23.75 40.56 -5.57
CA LEU A 48 -22.32 40.50 -5.85
C LEU A 48 -22.06 40.34 -7.35
N PRO A 49 -20.91 40.81 -7.82
CA PRO A 49 -20.56 40.70 -9.24
C PRO A 49 -20.49 39.27 -9.76
N LYS A 50 -20.75 39.14 -11.06
CA LYS A 50 -20.59 37.85 -11.75
C LYS A 50 -19.21 37.23 -11.44
N SER A 51 -18.16 38.06 -11.35
CA SER A 51 -16.80 37.56 -11.19
C SER A 51 -16.46 37.16 -9.76
N TYR A 52 -17.34 37.42 -8.79
CA TYR A 52 -17.07 37.15 -7.39
C TYR A 52 -17.24 35.67 -7.08
N ASN A 53 -16.19 35.04 -6.58
CA ASN A 53 -16.27 33.64 -6.16
C ASN A 53 -16.32 33.55 -4.65
N GLN A 54 -16.50 32.31 -4.19
CA GLN A 54 -16.55 32.02 -2.76
C GLN A 54 -15.36 32.62 -1.99
N ASN A 55 -14.16 32.52 -2.56
CA ASN A 55 -12.97 33.03 -1.88
C ASN A 55 -13.05 34.54 -1.68
N LYS A 56 -13.47 35.28 -2.71
CA LYS A 56 -13.52 36.74 -2.58
C LYS A 56 -14.57 37.15 -1.56
N VAL A 57 -15.65 36.39 -1.44
CA VAL A 57 -16.64 36.67 -0.41
C VAL A 57 -15.99 36.54 0.95
N TYR A 58 -15.25 35.44 1.14
CA TYR A 58 -14.49 35.27 2.36
C TYR A 58 -13.60 36.49 2.65
N LYS A 59 -12.72 36.86 1.72
CA LYS A 59 -11.84 38.01 1.99
C LYS A 59 -12.60 39.29 2.31
N TYR A 60 -13.71 39.52 1.62
CA TYR A 60 -14.43 40.76 1.88
C TYR A 60 -15.04 40.78 3.27
N PHE A 61 -15.50 39.64 3.78
CA PHE A 61 -16.26 39.69 5.02
C PHE A 61 -15.48 39.20 6.22
N LYS A 62 -14.29 38.67 6.03
CA LYS A 62 -13.61 38.03 7.15
C LYS A 62 -13.23 39.05 8.22
N HIS A 63 -13.16 40.33 7.87
CA HIS A 63 -12.95 41.33 8.90
C HIS A 63 -14.17 41.52 9.80
N CYS A 64 -15.35 41.07 9.34
CA CYS A 64 -16.59 41.18 10.10
C CYS A 64 -16.63 40.27 11.33
N GLY A 65 -15.87 39.19 11.33
CA GLY A 65 -15.95 38.21 12.39
C GLY A 65 -15.63 36.83 11.86
N PRO A 66 -15.32 35.90 12.76
CA PRO A 66 -14.99 34.55 12.31
C PRO A 66 -16.15 33.96 11.53
N ILE A 67 -15.84 33.32 10.41
CA ILE A 67 -16.88 32.78 9.55
C ILE A 67 -16.87 31.25 9.60
N ILE A 68 -18.04 30.65 9.76
CA ILE A 68 -18.21 29.20 9.73
C ILE A 68 -18.37 28.70 8.29
N HIS A 69 -19.17 29.38 7.46
CA HIS A 69 -19.41 28.90 6.10
C HIS A 69 -19.82 30.00 5.13
N VAL A 70 -19.45 29.79 3.86
CA VAL A 70 -19.84 30.66 2.76
C VAL A 70 -20.36 29.81 1.60
N ASP A 71 -21.54 30.14 1.10
CA ASP A 71 -22.13 29.61 -0.12
C ASP A 71 -22.30 30.74 -1.14
N VAL A 72 -21.99 30.46 -2.39
CA VAL A 72 -22.24 31.41 -3.46
C VAL A 72 -23.17 30.77 -4.48
N ALA A 73 -24.12 31.55 -5.02
CA ALA A 73 -25.03 31.05 -6.04
C ALA A 73 -25.24 32.10 -7.13
N ASP A 74 -25.38 31.65 -8.38
CA ASP A 74 -25.67 32.55 -9.51
C ASP A 74 -27.08 33.12 -9.47
N SER A 75 -27.25 34.37 -9.93
CA SER A 75 -28.58 34.90 -10.16
C SER A 75 -29.27 34.16 -11.31
N LEU A 76 -30.59 34.40 -11.44
CA LEU A 76 -31.41 33.73 -12.46
C LEU A 76 -30.89 33.93 -13.87
N LYS A 77 -30.46 35.16 -14.20
CA LYS A 77 -30.02 35.49 -15.55
C LYS A 77 -28.48 35.52 -15.60
N LYS A 78 -27.87 35.02 -14.53
CA LYS A 78 -26.43 34.84 -14.39
C LYS A 78 -25.69 36.17 -14.45
N ASN A 79 -26.39 37.28 -14.20
CA ASN A 79 -25.77 38.59 -14.22
C ASN A 79 -25.08 38.97 -12.90
N PHE A 80 -25.40 38.33 -11.78
CA PHE A 80 -24.72 38.63 -10.51
C PHE A 80 -24.77 37.39 -9.61
N ARG A 81 -24.22 37.51 -8.40
CA ARG A 81 -24.24 36.41 -7.43
C ARG A 81 -24.80 36.77 -6.06
N PHE A 82 -25.35 35.73 -5.43
CA PHE A 82 -25.80 35.71 -4.05
C PHE A 82 -24.72 35.01 -3.23
N ALA A 83 -24.63 35.34 -1.93
CA ALA A 83 -23.81 34.59 -1.00
C ALA A 83 -24.55 34.39 0.31
N ARG A 84 -24.36 33.23 0.91
CA ARG A 84 -24.80 32.92 2.25
C ARG A 84 -23.56 32.80 3.13
N ILE A 85 -23.57 33.51 4.25
CA ILE A 85 -22.44 33.44 5.16
C ILE A 85 -22.95 33.09 6.54
N GLU A 86 -22.50 31.96 7.07
CA GLU A 86 -22.86 31.57 8.42
C GLU A 86 -21.71 31.99 9.30
N PHE A 87 -22.00 32.92 10.21
CA PHE A 87 -21.03 33.47 11.14
C PHE A 87 -21.00 32.65 12.42
N ALA A 88 -19.84 32.67 13.08
CA ALA A 88 -19.69 32.02 14.37
C ALA A 88 -20.58 32.64 15.45
N ARG A 89 -20.67 33.97 15.48
CA ARG A 89 -21.39 34.67 16.54
C ARG A 89 -22.21 35.85 15.97
N TYR A 90 -23.24 36.27 16.74
CA TYR A 90 -24.15 37.36 16.31
C TYR A 90 -23.50 38.68 15.99
N ASP A 91 -22.46 39.06 16.73
CA ASP A 91 -21.80 40.33 16.44
C ASP A 91 -21.22 40.31 15.03
N GLY A 92 -20.82 39.13 14.56
CA GLY A 92 -20.30 39.00 13.22
C GLY A 92 -21.39 39.20 12.19
N ALA A 93 -22.58 38.65 12.43
CA ALA A 93 -23.67 38.90 11.50
C ALA A 93 -24.02 40.38 11.43
N LEU A 94 -24.08 41.04 12.60
CA LEU A 94 -24.33 42.47 12.62
C LEU A 94 -23.27 43.25 11.83
N ALA A 95 -22.00 42.91 12.04
CA ALA A 95 -20.94 43.61 11.32
C ALA A 95 -21.11 43.40 9.83
N ALA A 96 -21.50 42.19 9.43
CA ALA A 96 -21.73 41.95 8.01
C ALA A 96 -22.86 42.82 7.48
N ILE A 97 -23.91 43.00 8.28
CA ILE A 97 -25.07 43.78 7.84
C ILE A 97 -24.72 45.27 7.71
N THR A 98 -23.69 45.74 8.41
CA THR A 98 -23.28 47.13 8.20
C THR A 98 -22.74 47.36 6.80
N LYS A 99 -22.45 46.32 6.05
CA LYS A 99 -22.01 46.51 4.67
C LYS A 99 -23.16 46.71 3.69
N THR A 100 -24.40 46.74 4.16
CA THR A 100 -25.51 46.92 3.23
C THR A 100 -25.34 48.29 2.61
N HIS A 101 -25.62 48.36 1.31
CA HIS A 101 -25.48 49.56 0.49
C HIS A 101 -24.02 49.96 0.29
N LYS A 102 -23.09 49.08 0.63
CA LYS A 102 -21.77 49.40 0.12
C LYS A 102 -21.72 48.96 -1.34
N VAL A 103 -20.64 49.35 -2.02
CA VAL A 103 -20.49 49.08 -3.44
C VAL A 103 -19.33 48.11 -3.57
N VAL A 104 -19.55 47.01 -4.29
CA VAL A 104 -18.53 45.99 -4.54
C VAL A 104 -18.31 45.90 -6.04
N GLY A 105 -17.09 46.21 -6.46
CA GLY A 105 -16.83 46.39 -7.87
C GLY A 105 -17.57 47.64 -8.31
N GLN A 106 -18.61 47.48 -9.12
CA GLN A 106 -19.52 48.59 -9.37
C GLN A 106 -20.95 48.21 -9.01
N ASN A 107 -21.11 47.08 -8.32
CA ASN A 107 -22.38 46.51 -7.86
C ASN A 107 -22.73 46.96 -6.44
N GLU A 108 -23.94 47.49 -6.24
CA GLU A 108 -24.38 47.83 -4.89
C GLU A 108 -24.96 46.59 -4.18
N ILE A 109 -24.29 46.13 -3.14
CA ILE A 109 -24.74 44.91 -2.47
C ILE A 109 -25.73 45.26 -1.36
N ILE A 110 -26.50 44.26 -0.95
CA ILE A 110 -27.41 44.35 0.20
C ILE A 110 -27.13 43.19 1.16
N VAL A 111 -27.00 43.49 2.47
CA VAL A 111 -26.76 42.43 3.45
C VAL A 111 -27.87 42.44 4.49
N SER A 112 -28.46 41.27 4.72
CA SER A 112 -29.60 41.15 5.61
C SER A 112 -29.55 39.79 6.28
N HIS A 113 -30.21 39.65 7.42
CA HIS A 113 -30.39 38.32 7.99
C HIS A 113 -31.17 37.41 7.04
N LEU A 114 -30.71 36.17 6.88
CA LEU A 114 -31.46 35.20 6.09
C LEU A 114 -32.57 34.64 6.99
N THR A 115 -33.84 34.93 6.67
CA THR A 115 -34.91 34.45 7.55
C THR A 115 -36.20 34.10 6.79
N GLU A 116 -36.89 33.04 7.28
CA GLU A 116 -38.13 32.50 6.69
C GLU A 116 -37.96 32.14 5.22
N CYS A 117 -36.72 31.80 4.88
CA CYS A 117 -36.25 31.42 3.56
C CYS A 117 -35.70 30.00 3.54
N THR A 118 -36.11 29.15 4.47
CA THR A 118 -35.55 27.81 4.55
C THR A 118 -36.66 26.80 4.35
N LEU A 119 -36.43 25.88 3.45
CA LEU A 119 -37.33 24.77 3.19
C LEU A 119 -36.77 23.50 3.80
N TRP A 120 -37.67 22.59 4.15
CA TRP A 120 -37.31 21.22 4.44
C TRP A 120 -38.00 20.39 3.37
N MET A 121 -37.25 19.54 2.72
CA MET A 121 -37.74 18.76 1.60
C MET A 121 -37.46 17.30 1.93
N THR A 122 -38.41 16.43 1.67
CA THR A 122 -38.11 15.02 1.83
C THR A 122 -38.76 14.20 0.72
N ASN A 123 -38.37 12.93 0.70
CA ASN A 123 -38.89 11.98 -0.28
C ASN A 123 -38.56 12.38 -1.69
N PHE A 124 -37.45 13.04 -1.90
CA PHE A 124 -36.98 13.02 -3.26
C PHE A 124 -36.48 11.61 -3.57
N PRO A 125 -36.32 11.28 -4.84
CA PRO A 125 -35.91 9.94 -5.18
C PRO A 125 -34.58 9.61 -4.53
N PRO A 126 -34.35 8.36 -4.18
CA PRO A 126 -33.12 7.97 -3.50
C PRO A 126 -31.87 8.34 -4.30
N SER A 127 -31.98 8.53 -5.60
CA SER A 127 -30.80 8.80 -6.41
C SER A 127 -30.64 10.28 -6.82
N TYR A 128 -31.51 11.16 -6.32
CA TYR A 128 -31.36 12.59 -6.52
C TYR A 128 -30.07 13.09 -5.88
N THR A 129 -29.37 14.00 -6.55
CA THR A 129 -28.15 14.62 -6.02
C THR A 129 -28.41 16.08 -5.74
N GLN A 130 -27.43 16.75 -5.12
CA GLN A 130 -27.59 18.19 -4.88
C GLN A 130 -27.86 18.91 -6.19
N ARG A 131 -27.15 18.54 -7.27
CA ARG A 131 -27.37 19.18 -8.55
C ARG A 131 -28.80 18.95 -9.01
N ASN A 132 -29.32 17.74 -8.82
CA ASN A 132 -30.71 17.49 -9.19
C ASN A 132 -31.65 18.42 -8.45
N ILE A 133 -31.39 18.65 -7.16
CA ILE A 133 -32.27 19.52 -6.40
C ILE A 133 -32.12 20.97 -6.83
N ARG A 134 -30.89 21.43 -7.08
CA ARG A 134 -30.68 22.80 -7.55
C ARG A 134 -31.40 23.01 -8.87
N ASP A 135 -31.31 22.03 -9.76
CA ASP A 135 -31.95 22.12 -11.05
C ASP A 135 -33.47 22.05 -10.92
N LEU A 136 -33.98 21.23 -9.98
CA LEU A 136 -35.41 21.20 -9.67
C LEU A 136 -35.93 22.60 -9.36
N LEU A 137 -35.24 23.35 -8.49
CA LEU A 137 -35.70 24.70 -8.18
C LEU A 137 -35.49 25.62 -9.38
N GLN A 138 -34.38 25.40 -10.10
CA GLN A 138 -34.07 26.14 -11.32
C GLN A 138 -35.20 26.07 -12.35
N ASP A 139 -35.79 24.89 -12.52
CA ASP A 139 -36.85 24.71 -13.49
C ASP A 139 -38.03 25.64 -13.25
N ILE A 140 -38.28 26.04 -12.00
CA ILE A 140 -39.36 26.98 -11.71
C ILE A 140 -38.79 28.35 -11.37
N ASN A 141 -37.56 28.60 -11.85
CA ASN A 141 -36.89 29.90 -11.74
C ASN A 141 -36.74 30.34 -10.30
N VAL A 142 -36.34 29.40 -9.44
CA VAL A 142 -36.03 29.71 -8.06
C VAL A 142 -34.55 29.41 -7.87
N VAL A 143 -33.79 30.40 -7.46
CA VAL A 143 -32.38 30.20 -7.14
C VAL A 143 -32.28 29.49 -5.80
N ALA A 144 -31.43 28.48 -5.72
CA ALA A 144 -31.19 27.81 -4.44
C ALA A 144 -29.82 28.30 -4.02
N LEU A 145 -29.76 28.82 -2.82
CA LEU A 145 -28.53 29.33 -2.24
C LEU A 145 -27.77 28.27 -1.49
N SER A 146 -28.49 27.36 -0.86
CA SER A 146 -27.80 26.41 0.00
C SER A 146 -28.67 25.18 0.08
N ILE A 147 -28.03 24.04 -0.10
CA ILE A 147 -28.68 22.76 0.01
C ILE A 147 -27.85 21.96 0.98
N ARG A 148 -28.48 21.51 2.05
CA ARG A 148 -27.78 20.88 3.17
C ARG A 148 -28.39 19.51 3.34
N LEU A 149 -27.54 18.52 3.27
CA LEU A 149 -27.90 17.13 3.32
C LEU A 149 -27.36 16.55 4.64
N PRO A 150 -27.98 15.51 5.15
CA PRO A 150 -27.64 15.03 6.48
C PRO A 150 -26.55 13.98 6.38
N SER A 151 -25.85 13.83 7.51
CA SER A 151 -24.86 12.78 7.68
C SER A 151 -25.56 11.45 7.77
N LEU A 152 -25.00 10.46 7.10
CA LEU A 152 -25.50 9.09 7.11
C LEU A 152 -24.78 8.22 8.14
N ARG A 153 -24.00 8.85 9.02
CA ARG A 153 -23.19 8.16 10.01
C ARG A 153 -23.95 7.09 10.73
N PHE A 154 -25.06 7.47 11.35
CA PHE A 154 -25.84 6.60 12.22
C PHE A 154 -27.08 5.99 11.57
N ASN A 155 -27.39 6.36 10.33
CA ASN A 155 -28.52 5.76 9.65
C ASN A 155 -28.30 5.92 8.15
N THR A 156 -28.00 4.82 7.46
CA THR A 156 -27.65 4.89 6.04
C THR A 156 -28.80 5.38 5.15
N SER A 157 -30.02 5.26 5.62
CA SER A 157 -31.19 5.58 4.83
C SER A 157 -31.62 7.04 4.90
N ARG A 158 -30.95 7.90 5.65
CA ARG A 158 -31.44 9.26 5.84
C ARG A 158 -31.54 10.04 4.53
N ARG A 159 -32.64 10.78 4.36
CA ARG A 159 -32.89 11.40 3.06
C ARG A 159 -33.86 12.55 3.18
N PHE A 160 -33.32 13.73 3.31
CA PHE A 160 -34.07 14.97 3.35
C PHE A 160 -33.06 16.07 3.14
N ALA A 161 -33.55 17.31 3.04
CA ALA A 161 -32.65 18.42 2.79
C ALA A 161 -33.22 19.70 3.33
N TYR A 162 -32.34 20.58 3.75
CA TYR A 162 -32.73 21.94 4.03
C TYR A 162 -32.23 22.74 2.87
N ILE A 163 -33.04 23.68 2.42
CA ILE A 163 -32.65 24.49 1.28
C ILE A 163 -32.93 25.93 1.68
N ASP A 164 -31.91 26.77 1.55
CA ASP A 164 -32.07 28.20 1.74
C ASP A 164 -32.20 28.77 0.35
N VAL A 165 -33.25 29.56 0.15
CA VAL A 165 -33.49 30.32 -1.07
C VAL A 165 -33.34 31.80 -0.72
N THR A 166 -33.65 32.69 -1.65
CA THR A 166 -33.30 34.10 -1.48
C THR A 166 -34.42 35.02 -0.98
N SER A 167 -35.68 34.58 -0.89
CA SER A 167 -36.74 35.45 -0.40
C SER A 167 -37.82 34.64 0.26
N LYS A 168 -38.60 35.28 1.14
CA LYS A 168 -39.72 34.58 1.76
C LYS A 168 -40.75 34.11 0.71
N GLU A 169 -40.97 34.94 -0.31
CA GLU A 169 -41.85 34.59 -1.43
C GLU A 169 -41.37 33.36 -2.19
N ASP A 170 -40.07 33.28 -2.46
CA ASP A 170 -39.57 32.10 -3.18
C ASP A 170 -39.90 30.86 -2.37
N ALA A 171 -39.77 30.93 -1.04
CA ALA A 171 -40.11 29.78 -0.20
C ALA A 171 -41.58 29.38 -0.39
N ARG A 172 -42.49 30.37 -0.32
CA ARG A 172 -43.90 30.05 -0.53
C ARG A 172 -44.16 29.52 -1.94
N TYR A 173 -43.43 29.99 -2.94
CA TYR A 173 -43.64 29.46 -4.27
C TYR A 173 -43.16 28.02 -4.39
N CYS A 174 -42.01 27.72 -3.78
CA CYS A 174 -41.54 26.35 -3.76
C CYS A 174 -42.51 25.41 -3.08
N VAL A 175 -43.13 25.83 -1.96
CA VAL A 175 -44.09 24.93 -1.34
C VAL A 175 -45.29 24.71 -2.25
N GLU A 176 -45.84 25.80 -2.82
CA GLU A 176 -47.01 25.70 -3.70
C GLU A 176 -46.77 24.76 -4.88
N LYS A 177 -45.63 24.88 -5.57
CA LYS A 177 -45.30 24.15 -6.79
C LYS A 177 -44.64 22.80 -6.57
N LEU A 178 -43.91 22.58 -5.47
CA LEU A 178 -43.11 21.38 -5.38
C LEU A 178 -43.68 20.35 -4.42
N ASN A 179 -44.43 20.76 -3.40
CA ASN A 179 -45.07 19.81 -2.48
C ASN A 179 -46.14 19.01 -3.19
N GLY A 180 -45.96 17.69 -3.24
CA GLY A 180 -46.85 16.75 -3.88
C GLY A 180 -46.44 16.40 -5.29
N LEU A 181 -45.42 17.07 -5.81
CA LEU A 181 -44.91 16.76 -7.15
C LEU A 181 -44.36 15.36 -7.22
N LYS A 182 -44.73 14.62 -8.25
CA LYS A 182 -44.20 13.27 -8.44
C LYS A 182 -42.95 13.29 -9.31
N ILE A 183 -41.87 12.74 -8.75
CA ILE A 183 -40.56 12.68 -9.40
C ILE A 183 -40.10 11.23 -9.33
N GLU A 184 -39.94 10.62 -10.50
CA GLU A 184 -39.51 9.25 -10.68
C GLU A 184 -40.36 8.28 -9.86
N GLY A 185 -41.64 8.60 -9.70
CA GLY A 185 -42.59 7.77 -8.97
C GLY A 185 -42.72 8.08 -7.51
N TYR A 186 -41.89 8.99 -7.01
CA TYR A 186 -41.88 9.40 -5.61
C TYR A 186 -42.68 10.67 -5.43
N THR A 187 -43.63 10.65 -4.49
CA THR A 187 -44.39 11.84 -4.16
C THR A 187 -43.55 12.73 -3.24
N LEU A 188 -43.09 13.84 -3.79
CA LEU A 188 -42.25 14.78 -3.08
C LEU A 188 -42.94 15.48 -1.92
N VAL A 189 -42.19 15.71 -0.84
CA VAL A 189 -42.67 16.55 0.26
C VAL A 189 -41.83 17.83 0.30
N THR A 190 -42.49 19.00 0.23
CA THR A 190 -41.78 20.26 0.33
C THR A 190 -42.50 21.14 1.33
N LYS A 191 -41.80 21.57 2.35
CA LYS A 191 -42.42 22.34 3.40
C LYS A 191 -41.56 23.55 3.73
N VAL A 192 -42.21 24.61 4.16
CA VAL A 192 -41.47 25.66 4.82
C VAL A 192 -40.92 25.08 6.12
N SER A 193 -39.61 25.19 6.32
CA SER A 193 -38.96 24.52 7.42
C SER A 193 -39.47 25.01 8.77
N ASN A 194 -39.95 24.07 9.55
CA ASN A 194 -40.27 24.23 10.96
C ASN A 194 -40.30 22.88 11.65
N PRO A 195 -39.23 22.54 12.36
CA PRO A 195 -39.14 21.22 13.00
C PRO A 195 -40.25 20.90 13.96
N LEU A 196 -40.92 21.88 14.53
CA LEU A 196 -42.01 21.54 15.43
C LEU A 196 -43.17 20.86 14.75
N GLU A 197 -43.31 21.03 13.43
CA GLU A 197 -44.43 20.50 12.67
C GLU A 197 -44.13 19.12 12.07
N LYS A 198 -43.04 18.50 12.48
CA LYS A 198 -42.62 17.25 11.87
C LYS A 198 -43.67 16.15 11.96
N SER A 199 -43.82 15.39 10.85
CA SER A 199 -44.78 14.30 10.80
C SER A 199 -44.32 13.15 11.67
N LYS A 200 -45.30 12.37 12.07
CA LYS A 200 -45.06 11.11 12.75
C LYS A 200 -44.67 10.12 11.64
N ARG A 201 -43.55 9.42 11.81
CA ARG A 201 -43.10 8.45 10.80
C ARG A 201 -43.96 7.19 10.72
N THR A 202 -43.96 6.57 9.53
CA THR A 202 -44.77 5.38 9.34
C THR A 202 -44.18 4.21 10.11
N ASP A 203 -42.90 4.27 10.46
CA ASP A 203 -42.28 3.21 11.24
C ASP A 203 -42.16 3.61 12.70
N SER A 204 -42.97 4.56 13.14
CA SER A 204 -42.75 5.09 14.47
C SER A 204 -42.97 4.02 15.52
N ALA A 205 -43.84 3.05 15.24
CA ALA A 205 -44.12 2.00 16.20
C ALA A 205 -42.87 1.21 16.52
N THR A 206 -42.06 0.93 15.49
CA THR A 206 -40.79 0.21 15.67
C THR A 206 -39.78 1.06 16.43
N LEU A 207 -39.69 2.33 16.04
CA LEU A 207 -38.82 3.31 16.66
C LEU A 207 -39.17 3.50 18.11
N GLU A 208 -40.47 3.34 18.47
CA GLU A 208 -40.96 3.60 19.82
C GLU A 208 -40.88 2.36 20.70
N GLY A 209 -40.45 1.23 20.16
CA GLY A 209 -40.28 0.02 20.94
C GLY A 209 -41.55 -0.74 21.23
N ARG A 210 -42.55 -0.61 20.35
CA ARG A 210 -43.86 -1.21 20.50
C ARG A 210 -44.02 -2.40 19.58
N GLU A 211 -43.02 -2.71 18.77
CA GLU A 211 -43.16 -3.79 17.83
C GLU A 211 -42.27 -4.90 18.32
N ILE A 212 -42.84 -6.07 18.49
CA ILE A 212 -42.06 -7.24 18.85
C ILE A 212 -41.88 -8.07 17.60
N MET A 213 -40.81 -8.83 17.61
CA MET A 213 -40.57 -9.86 16.63
C MET A 213 -40.68 -11.18 17.35
N ILE A 214 -41.47 -12.08 16.78
CA ILE A 214 -41.66 -13.44 17.27
C ILE A 214 -40.94 -14.32 16.26
N ARG A 215 -40.03 -15.13 16.77
CA ARG A 215 -39.19 -15.95 15.93
C ARG A 215 -39.35 -17.42 16.28
N ASN A 216 -39.02 -18.27 15.29
CA ASN A 216 -39.02 -19.72 15.41
C ASN A 216 -40.44 -20.29 15.51
N LEU A 217 -41.39 -19.63 14.89
CA LEU A 217 -42.71 -20.22 14.69
C LEU A 217 -42.60 -21.36 13.69
N SER A 218 -43.46 -22.37 13.83
CA SER A 218 -43.62 -23.38 12.79
C SER A 218 -44.59 -22.90 11.70
N THR A 219 -44.56 -23.59 10.56
CA THR A 219 -45.52 -23.28 9.50
C THR A 219 -46.95 -23.45 10.00
N GLU A 220 -47.17 -24.48 10.82
CA GLU A 220 -48.49 -24.70 11.40
C GLU A 220 -48.96 -23.49 12.20
N LEU A 221 -48.04 -22.78 12.84
CA LEU A 221 -48.33 -21.64 13.70
C LEU A 221 -48.39 -20.29 13.01
N LEU A 222 -48.02 -20.17 11.74
CA LEU A 222 -48.01 -18.89 11.04
C LEU A 222 -49.43 -18.48 10.63
N ASP A 223 -50.22 -18.04 11.61
CA ASP A 223 -51.64 -17.79 11.41
C ASP A 223 -52.04 -16.59 12.25
N GLU A 224 -52.53 -15.52 11.61
CA GLU A 224 -52.83 -14.29 12.34
C GLU A 224 -53.83 -14.48 13.48
N ASN A 225 -54.87 -15.30 13.25
CA ASN A 225 -55.90 -15.54 14.27
C ASN A 225 -55.34 -16.19 15.52
N LEU A 226 -54.50 -17.21 15.35
CA LEU A 226 -53.89 -17.90 16.48
C LEU A 226 -53.01 -16.96 17.26
N LEU A 227 -52.24 -16.13 16.56
CA LEU A 227 -51.38 -15.18 17.23
C LEU A 227 -52.20 -14.16 18.02
N ARG A 228 -53.30 -13.64 17.44
CA ARG A 228 -54.11 -12.74 18.25
C ARG A 228 -54.58 -13.40 19.52
N GLU A 229 -55.15 -14.62 19.44
CA GLU A 229 -55.59 -15.26 20.68
C GLU A 229 -54.41 -15.44 21.64
N SER A 230 -53.21 -15.70 21.10
CA SER A 230 -52.10 -16.02 22.00
C SER A 230 -51.49 -14.78 22.64
N PHE A 231 -51.60 -13.61 22.01
CA PHE A 231 -50.92 -12.43 22.53
C PHE A 231 -51.82 -11.30 22.98
N GLU A 232 -53.10 -11.27 22.60
CA GLU A 232 -53.95 -10.12 22.86
C GLU A 232 -54.15 -9.85 24.35
N GLY A 233 -53.90 -10.85 25.20
CA GLY A 233 -53.97 -10.62 26.64
C GLY A 233 -53.02 -9.55 27.13
N PHE A 234 -51.91 -9.35 26.45
CA PHE A 234 -50.90 -8.37 26.83
C PHE A 234 -51.32 -6.91 26.54
N GLY A 235 -52.22 -6.66 25.59
CA GLY A 235 -52.59 -5.30 25.25
C GLY A 235 -53.21 -5.21 23.86
N SER A 236 -53.77 -4.03 23.54
CA SER A 236 -54.39 -3.87 22.23
C SER A 236 -53.36 -4.03 21.12
N ILE A 237 -53.66 -4.87 20.15
CA ILE A 237 -52.77 -5.09 19.01
C ILE A 237 -53.14 -4.18 17.85
N GLU A 238 -52.19 -3.33 17.44
CA GLU A 238 -52.43 -2.43 16.34
C GLU A 238 -52.30 -3.17 15.02
N LYS A 239 -51.35 -4.10 14.96
CA LYS A 239 -51.05 -4.68 13.65
C LYS A 239 -50.29 -5.97 13.76
N ILE A 240 -50.55 -6.90 12.84
CA ILE A 240 -49.74 -8.11 12.72
C ILE A 240 -49.27 -8.24 11.28
N ASN A 241 -47.96 -8.41 11.13
CA ASN A 241 -47.31 -8.54 9.84
C ASN A 241 -46.62 -9.89 9.83
N ILE A 242 -46.93 -10.70 8.81
CA ILE A 242 -46.30 -12.00 8.60
C ILE A 242 -45.55 -11.89 7.27
N PRO A 243 -44.22 -11.90 7.32
CA PRO A 243 -43.39 -11.82 6.12
C PRO A 243 -43.74 -12.88 5.09
N ALA A 244 -43.81 -12.46 3.83
CA ALA A 244 -44.25 -13.38 2.81
C ALA A 244 -43.16 -14.39 2.49
N GLY A 245 -43.59 -15.52 1.94
CA GLY A 245 -42.70 -16.51 1.43
C GLY A 245 -42.39 -17.59 2.41
N GLN A 246 -42.86 -17.49 3.65
CA GLN A 246 -42.47 -18.45 4.67
C GLN A 246 -43.19 -19.80 4.53
N LYS A 247 -44.48 -19.77 4.22
CA LYS A 247 -45.22 -21.03 4.02
C LYS A 247 -44.91 -21.60 2.65
N GLU A 248 -44.81 -20.72 1.65
CA GLU A 248 -44.63 -21.12 0.27
C GLU A 248 -43.31 -21.84 0.06
N HIS A 249 -42.30 -21.49 0.84
CA HIS A 249 -41.01 -22.12 0.78
C HIS A 249 -40.82 -23.17 1.89
N SER A 250 -41.90 -23.54 2.59
CA SER A 250 -41.90 -24.57 3.65
C SER A 250 -40.78 -24.43 4.68
N PHE A 251 -40.64 -23.25 5.27
CA PHE A 251 -39.59 -23.01 6.25
C PHE A 251 -39.78 -23.85 7.51
N ASN A 252 -38.64 -24.27 8.11
CA ASN A 252 -38.63 -24.89 9.44
C ASN A 252 -39.04 -23.88 10.51
N ASN A 253 -38.47 -22.68 10.44
CA ASN A 253 -38.73 -21.59 11.36
C ASN A 253 -39.37 -20.40 10.63
N CYS A 254 -40.38 -19.84 11.26
CA CYS A 254 -41.11 -18.70 10.74
C CYS A 254 -41.02 -17.58 11.77
N CYS A 255 -41.19 -16.38 11.27
CA CYS A 255 -41.20 -15.20 12.11
C CYS A 255 -42.47 -14.42 11.84
N ALA A 256 -42.83 -13.57 12.79
CA ALA A 256 -43.97 -12.70 12.64
C ALA A 256 -43.68 -11.47 13.46
N PHE A 257 -44.31 -10.37 13.11
CA PHE A 257 -44.11 -9.14 13.84
C PHE A 257 -45.44 -8.67 14.37
N MET A 258 -45.41 -8.08 15.54
CA MET A 258 -46.67 -7.67 16.13
C MET A 258 -46.47 -6.31 16.75
N VAL A 259 -47.32 -5.35 16.37
CA VAL A 259 -47.27 -4.01 16.91
C VAL A 259 -48.42 -3.81 17.89
N PHE A 260 -48.07 -3.40 19.10
CA PHE A 260 -49.02 -3.07 20.14
C PHE A 260 -49.17 -1.55 20.17
N GLU A 261 -50.35 -1.11 20.57
CA GLU A 261 -50.66 0.31 20.64
C GLU A 261 -49.81 1.08 21.67
N ASN A 262 -49.41 0.46 22.76
CA ASN A 262 -48.53 1.13 23.72
C ASN A 262 -47.37 0.25 24.18
N LYS A 263 -46.31 0.94 24.59
CA LYS A 263 -45.03 0.30 24.91
C LYS A 263 -45.17 -0.68 26.06
N ASP A 264 -46.04 -0.38 27.01
CA ASP A 264 -46.23 -1.27 28.15
C ASP A 264 -46.75 -2.64 27.70
N SER A 265 -47.66 -2.66 26.72
CA SER A 265 -48.18 -3.93 26.25
C SER A 265 -47.10 -4.80 25.63
N ALA A 266 -46.27 -4.20 24.76
CA ALA A 266 -45.20 -4.96 24.13
C ALA A 266 -44.20 -5.49 25.15
N GLU A 267 -43.89 -4.66 26.13
CA GLU A 267 -42.94 -5.10 27.11
C GLU A 267 -43.47 -6.30 27.84
N ARG A 268 -44.73 -6.25 28.24
CA ARG A 268 -45.26 -7.39 28.96
C ARG A 268 -45.39 -8.61 28.05
N ALA A 269 -45.65 -8.41 26.76
CA ALA A 269 -45.70 -9.53 25.82
C ALA A 269 -44.36 -10.24 25.65
N LEU A 270 -43.26 -9.61 26.00
CA LEU A 270 -41.97 -10.30 25.87
C LEU A 270 -41.86 -11.50 26.80
N GLN A 271 -42.72 -11.61 27.80
CA GLN A 271 -42.73 -12.76 28.68
C GLN A 271 -43.00 -14.05 27.94
N MET A 272 -43.50 -13.98 26.71
CA MET A 272 -43.69 -15.21 25.94
C MET A 272 -42.36 -15.81 25.45
N ASN A 273 -41.25 -15.10 25.61
CA ASN A 273 -39.93 -15.60 25.24
C ASN A 273 -39.51 -16.86 25.95
N ARG A 274 -39.03 -17.81 25.16
CA ARG A 274 -38.55 -19.13 25.54
C ARG A 274 -39.67 -20.02 26.03
N SER A 275 -40.90 -19.53 25.92
CA SER A 275 -42.16 -20.17 26.27
C SER A 275 -42.59 -21.12 25.16
N LEU A 276 -43.53 -22.01 25.49
CA LEU A 276 -44.04 -22.92 24.48
C LEU A 276 -45.24 -22.30 23.78
N LEU A 277 -45.21 -22.31 22.45
CA LEU A 277 -46.36 -22.02 21.62
C LEU A 277 -46.74 -23.19 20.73
N GLY A 278 -47.89 -23.77 20.97
CA GLY A 278 -48.21 -25.03 20.31
C GLY A 278 -47.18 -26.09 20.59
N ASN A 279 -46.61 -26.67 19.53
CA ASN A 279 -45.60 -27.71 19.70
C ASN A 279 -44.20 -27.22 19.40
N ARG A 280 -43.97 -25.91 19.43
CA ARG A 280 -42.68 -25.34 19.09
C ARG A 280 -42.22 -24.53 20.31
N GLU A 281 -40.95 -24.15 20.34
CA GLU A 281 -40.47 -23.24 21.38
C GLU A 281 -40.10 -21.96 20.63
N ILE A 282 -40.77 -20.84 20.97
CA ILE A 282 -40.56 -19.56 20.31
C ILE A 282 -39.64 -18.60 21.06
N SER A 283 -39.04 -17.66 20.32
CA SER A 283 -38.29 -16.57 20.92
C SER A 283 -39.08 -15.30 20.65
N VAL A 284 -39.13 -14.39 21.61
CA VAL A 284 -39.85 -13.13 21.44
C VAL A 284 -38.99 -11.99 21.96
N SER A 285 -38.83 -10.93 21.16
CA SER A 285 -37.94 -9.84 21.57
C SER A 285 -38.48 -8.57 20.94
N LEU A 286 -38.07 -7.41 21.46
CA LEU A 286 -38.39 -6.17 20.77
C LEU A 286 -37.63 -6.07 19.45
N ALA A 287 -38.36 -5.71 18.38
CA ALA A 287 -37.76 -5.60 17.06
C ALA A 287 -36.71 -4.51 17.04
N ASP A 288 -35.57 -4.83 16.46
CA ASP A 288 -34.52 -3.85 16.26
C ASP A 288 -34.82 -2.97 15.06
N LYS A 289 -34.21 -1.78 15.03
CA LYS A 289 -34.42 -0.93 13.87
C LYS A 289 -33.30 -1.15 12.84
N LYS A 290 -33.61 -0.80 11.60
CA LYS A 290 -32.66 -1.07 10.51
C LYS A 290 -31.28 -0.46 10.69
N PRO A 291 -31.12 0.83 11.06
CA PRO A 291 -29.76 1.39 11.13
C PRO A 291 -28.89 0.66 12.12
N PHE A 292 -29.52 0.25 13.21
CA PHE A 292 -28.87 -0.63 14.20
C PHE A 292 -28.46 -1.95 13.56
N LEU A 293 -29.37 -2.59 12.82
CA LEU A 293 -29.01 -3.88 12.26
C LEU A 293 -27.88 -3.75 11.26
N GLU A 294 -27.91 -2.72 10.40
CA GLU A 294 -26.84 -2.56 9.43
C GLU A 294 -25.52 -2.30 10.14
N ARG A 295 -25.54 -1.53 11.22
CA ARG A 295 -24.25 -1.30 11.85
C ARG A 295 -23.73 -2.59 12.43
N ASN A 296 -24.59 -3.42 13.04
CA ASN A 296 -24.05 -4.68 13.53
C ASN A 296 -23.56 -5.54 12.40
N GLU A 297 -24.17 -5.48 11.22
CA GLU A 297 -23.61 -6.25 10.11
C GLU A 297 -22.21 -5.73 9.74
N VAL A 298 -22.07 -4.41 9.68
CA VAL A 298 -20.77 -3.83 9.38
C VAL A 298 -19.76 -4.17 10.47
N LYS A 299 -20.15 -4.10 11.75
CA LYS A 299 -19.23 -4.47 12.82
C LYS A 299 -18.78 -5.90 12.67
N ARG A 300 -19.69 -6.79 12.29
CA ARG A 300 -19.34 -8.18 12.05
C ARG A 300 -18.33 -8.30 10.93
N LEU A 301 -18.56 -7.56 9.85
CA LEU A 301 -17.66 -7.56 8.71
C LEU A 301 -16.27 -7.03 9.06
N LEU A 302 -16.20 -5.88 9.75
CA LEU A 302 -14.90 -5.27 10.09
C LEU A 302 -14.03 -6.16 10.99
N ALA A 303 -14.62 -7.05 11.78
CA ALA A 303 -13.83 -7.90 12.65
C ALA A 303 -13.53 -9.26 12.03
N SER A 304 -14.06 -9.54 10.84
CA SER A 304 -13.93 -10.83 10.20
C SER A 304 -12.51 -11.21 9.82
N ARG A 305 -12.21 -12.51 9.97
CA ARG A 305 -10.97 -13.15 9.57
C ARG A 305 -11.21 -14.37 8.68
N ASN A 306 -12.46 -14.58 8.23
CA ASN A 306 -12.76 -15.64 7.26
C ASN A 306 -12.25 -15.18 5.90
N SER A 307 -12.80 -15.74 4.81
CA SER A 307 -12.26 -15.32 3.52
C SER A 307 -13.22 -15.53 2.35
N LYS A 308 -14.12 -16.51 2.40
CA LYS A 308 -15.09 -16.61 1.30
C LYS A 308 -16.00 -15.39 1.23
N GLU A 309 -16.42 -14.86 2.38
CA GLU A 309 -17.30 -13.70 2.29
C GLU A 309 -16.48 -12.45 1.94
N LEU A 310 -15.34 -12.24 2.62
CA LEU A 310 -14.56 -11.02 2.40
C LEU A 310 -14.07 -10.93 0.95
N GLU A 311 -13.79 -12.06 0.32
CA GLU A 311 -13.23 -12.01 -1.02
C GLU A 311 -14.26 -11.67 -2.07
N THR A 312 -15.52 -11.58 -1.72
CA THR A 312 -16.58 -11.16 -2.63
C THR A 312 -16.91 -9.67 -2.54
N LEU A 313 -16.26 -8.92 -1.63
CA LEU A 313 -16.55 -7.51 -1.44
C LEU A 313 -15.32 -6.67 -1.75
N ILE A 314 -15.54 -5.38 -2.04
CA ILE A 314 -14.46 -4.42 -2.14
C ILE A 314 -14.84 -3.16 -1.37
N CYS A 315 -13.84 -2.35 -1.06
CA CYS A 315 -14.08 -1.05 -0.45
C CYS A 315 -13.72 0.06 -1.41
N LEU A 316 -14.48 1.14 -1.32
CA LEU A 316 -14.21 2.40 -1.98
C LEU A 316 -13.95 3.46 -0.91
N PHE A 317 -12.94 4.30 -1.12
CA PHE A 317 -12.57 5.29 -0.12
C PHE A 317 -11.63 6.30 -0.77
N PRO A 318 -11.55 7.53 -0.22
CA PRO A 318 -12.41 8.09 0.84
C PRO A 318 -13.71 8.71 0.27
N LEU A 319 -14.81 8.63 1.03
CA LEU A 319 -16.12 9.14 0.62
C LEU A 319 -16.69 10.04 1.70
N SER A 320 -17.46 11.01 1.28
CA SER A 320 -18.24 11.83 2.20
C SER A 320 -19.26 11.01 2.99
N ASP A 321 -19.47 11.38 4.27
CA ASP A 321 -20.50 10.64 4.99
C ASP A 321 -21.92 10.99 4.53
N LYS A 322 -22.06 11.84 3.51
CA LYS A 322 -23.32 12.19 2.92
C LYS A 322 -23.70 11.31 1.73
N VAL A 323 -22.81 10.43 1.28
CA VAL A 323 -23.02 9.64 0.06
C VAL A 323 -23.82 8.40 0.42
N SER A 324 -25.02 8.24 -0.19
CA SER A 324 -25.87 7.10 0.12
C SER A 324 -25.54 5.88 -0.75
N PRO A 325 -25.91 4.67 -0.32
CA PRO A 325 -25.78 3.51 -1.21
C PRO A 325 -26.49 3.70 -2.55
N SER A 326 -27.66 4.36 -2.61
CA SER A 326 -28.31 4.52 -3.91
C SER A 326 -27.44 5.30 -4.84
N LEU A 327 -26.75 6.32 -4.32
CA LEU A 327 -25.86 7.07 -5.18
C LEU A 327 -24.68 6.23 -5.61
N ILE A 328 -24.14 5.41 -4.71
CA ILE A 328 -23.03 4.56 -5.11
C ILE A 328 -23.47 3.52 -6.15
N CYS A 329 -24.63 2.89 -5.93
CA CYS A 329 -25.18 1.92 -6.87
C CYS A 329 -25.45 2.58 -8.21
N GLN A 330 -26.04 3.77 -8.15
CA GLN A 330 -26.35 4.55 -9.33
C GLN A 330 -25.07 4.90 -10.06
N PHE A 331 -24.04 5.27 -9.30
CA PHE A 331 -22.72 5.54 -9.88
C PHE A 331 -22.19 4.31 -10.62
N LEU A 332 -22.34 3.13 -10.02
CA LEU A 332 -21.88 1.91 -10.68
C LEU A 332 -22.65 1.67 -11.97
N GLN A 333 -23.95 1.98 -11.99
CA GLN A 333 -24.74 1.73 -13.19
C GLN A 333 -24.49 2.77 -14.27
N GLU A 334 -24.47 4.05 -13.93
CA GLU A 334 -24.41 5.09 -14.94
C GLU A 334 -22.98 5.33 -15.39
N GLU A 335 -22.00 5.22 -14.49
CA GLU A 335 -20.62 5.47 -14.85
C GLU A 335 -19.84 4.19 -15.14
N ILE A 336 -20.10 3.10 -14.39
CA ILE A 336 -19.33 1.85 -14.56
C ILE A 336 -20.06 0.79 -15.38
N HIS A 337 -21.36 0.96 -15.67
CA HIS A 337 -22.12 0.04 -16.53
C HIS A 337 -22.21 -1.36 -15.93
N ILE A 338 -22.32 -1.44 -14.62
CA ILE A 338 -22.51 -2.70 -13.89
C ILE A 338 -23.98 -3.06 -13.93
N ASN A 339 -24.25 -4.35 -14.07
CA ASN A 339 -25.63 -4.82 -14.02
C ASN A 339 -26.15 -4.81 -12.60
N GLU A 340 -27.40 -4.36 -12.45
CA GLU A 340 -28.06 -4.26 -11.16
C GLU A 340 -27.94 -5.55 -10.34
N LYS A 341 -28.04 -6.71 -10.99
CA LYS A 341 -28.04 -7.96 -10.23
C LYS A 341 -26.65 -8.47 -9.91
N ASP A 342 -25.59 -7.78 -10.32
CA ASP A 342 -24.24 -8.12 -9.89
C ASP A 342 -23.91 -7.61 -8.51
N ILE A 343 -24.68 -6.68 -7.98
CA ILE A 343 -24.43 -6.10 -6.67
C ILE A 343 -25.36 -6.73 -5.66
N ARG A 344 -24.78 -7.42 -4.67
CA ARG A 344 -25.56 -8.07 -3.63
C ARG A 344 -25.98 -7.03 -2.58
N LYS A 345 -25.05 -6.19 -2.13
CA LYS A 345 -25.31 -5.25 -1.04
C LYS A 345 -24.32 -4.08 -1.05
N ILE A 346 -24.80 -2.90 -0.65
CA ILE A 346 -23.88 -1.80 -0.43
C ILE A 346 -24.07 -1.28 0.98
N LEU A 347 -22.96 -1.24 1.76
CA LEU A 347 -22.91 -0.84 3.16
C LEU A 347 -21.92 0.30 3.39
N LEU A 348 -22.33 1.29 4.20
CA LEU A 348 -21.46 2.40 4.57
C LEU A 348 -20.55 2.08 5.76
N VAL A 349 -19.33 2.62 5.71
CA VAL A 349 -18.38 2.53 6.82
C VAL A 349 -17.78 3.88 7.18
N SER A 350 -18.56 4.73 7.83
CA SER A 350 -18.11 6.11 8.01
C SER A 350 -16.96 6.21 9.00
N ASP A 351 -16.76 5.21 9.85
CA ASP A 351 -15.62 5.32 10.75
C ASP A 351 -14.29 5.17 10.00
N PHE A 352 -14.30 4.69 8.75
CA PHE A 352 -13.11 4.74 7.90
C PHE A 352 -13.33 5.54 6.64
N ASN A 353 -14.30 6.45 6.64
CA ASN A 353 -14.65 7.29 5.47
C ASN A 353 -14.82 6.49 4.20
N GLY A 354 -15.45 5.31 4.27
CA GLY A 354 -15.53 4.47 3.08
C GLY A 354 -16.86 3.79 2.90
N ALA A 355 -16.93 2.98 1.85
CA ALA A 355 -18.12 2.17 1.65
C ALA A 355 -17.69 0.82 1.13
N ILE A 356 -18.45 -0.19 1.54
CA ILE A 356 -18.29 -1.57 1.13
C ILE A 356 -19.32 -1.95 0.08
N ILE A 357 -18.85 -2.55 -1.00
CA ILE A 357 -19.74 -3.11 -2.02
C ILE A 357 -19.54 -4.61 -2.05
N ILE A 358 -20.60 -5.37 -1.77
CA ILE A 358 -20.55 -6.84 -1.79
C ILE A 358 -21.19 -7.31 -3.07
N PHE A 359 -20.42 -8.06 -3.87
CA PHE A 359 -20.75 -8.61 -5.18
C PHE A 359 -21.12 -10.09 -5.14
N ARG A 360 -21.30 -10.67 -6.34
CA ARG A 360 -21.79 -12.05 -6.48
C ARG A 360 -20.68 -13.11 -6.58
N ASP A 361 -19.47 -12.77 -7.04
CA ASP A 361 -18.35 -13.71 -6.95
C ASP A 361 -17.05 -12.97 -6.68
N SER A 362 -16.03 -13.72 -6.22
CA SER A 362 -14.75 -13.11 -5.87
C SER A 362 -14.00 -12.59 -7.10
N LYS A 363 -14.22 -13.23 -8.26
CA LYS A 363 -13.57 -12.81 -9.49
C LYS A 363 -14.18 -11.50 -10.00
N PHE A 364 -15.52 -11.39 -9.95
CA PHE A 364 -16.12 -10.11 -10.32
C PHE A 364 -15.68 -9.03 -9.36
N ALA A 365 -15.69 -9.31 -8.05
CA ALA A 365 -15.22 -8.31 -7.09
C ALA A 365 -13.78 -7.90 -7.37
N ALA A 366 -12.91 -8.87 -7.67
CA ALA A 366 -11.52 -8.54 -7.98
C ALA A 366 -11.44 -7.64 -9.21
N LYS A 367 -12.26 -7.94 -10.22
CA LYS A 367 -12.23 -7.13 -11.43
C LYS A 367 -12.77 -5.73 -11.17
N MET A 368 -13.80 -5.60 -10.34
CA MET A 368 -14.29 -4.26 -10.04
C MET A 368 -13.24 -3.50 -9.26
N LEU A 369 -12.52 -4.21 -8.40
CA LEU A 369 -11.43 -3.59 -7.66
C LEU A 369 -10.45 -2.97 -8.64
N MET A 370 -10.08 -3.72 -9.67
CA MET A 370 -9.15 -3.22 -10.70
C MET A 370 -9.72 -2.03 -11.45
N ILE A 371 -10.96 -2.14 -11.95
CA ILE A 371 -11.57 -1.06 -12.72
C ILE A 371 -11.71 0.23 -11.91
N LEU A 372 -12.16 0.12 -10.67
CA LEU A 372 -12.53 1.27 -9.86
C LEU A 372 -11.39 2.09 -9.24
N ASN A 373 -10.22 1.50 -9.00
CA ASN A 373 -9.14 2.20 -8.30
C ASN A 373 -8.63 3.39 -9.10
N GLY A 374 -8.73 4.58 -8.51
CA GLY A 374 -8.30 5.79 -9.19
C GLY A 374 -9.36 6.44 -10.04
N SER A 375 -10.55 5.87 -10.12
CA SER A 375 -11.66 6.51 -10.84
C SER A 375 -12.18 7.76 -10.13
N GLN A 376 -13.02 8.51 -10.83
CA GLN A 376 -13.59 9.72 -10.22
C GLN A 376 -15.07 9.55 -9.90
N PHE A 377 -15.41 9.94 -8.67
CA PHE A 377 -16.74 9.97 -8.08
C PHE A 377 -16.95 11.32 -7.41
N GLN A 378 -18.04 11.99 -7.77
CA GLN A 378 -18.34 13.32 -7.23
C GLN A 378 -17.14 14.22 -7.48
N GLY A 379 -16.53 14.06 -8.65
CA GLY A 379 -15.43 14.92 -8.99
C GLY A 379 -14.12 14.66 -8.28
N LYS A 380 -14.00 13.60 -7.49
CA LYS A 380 -12.76 13.37 -6.76
C LYS A 380 -12.25 11.98 -7.09
N VAL A 381 -10.93 11.83 -7.12
CA VAL A 381 -10.41 10.50 -7.37
C VAL A 381 -10.57 9.66 -6.11
N ILE A 382 -11.11 8.44 -6.27
CA ILE A 382 -11.22 7.50 -5.17
C ILE A 382 -10.45 6.24 -5.55
N ARG A 383 -10.06 5.52 -4.50
CA ARG A 383 -9.35 4.26 -4.58
C ARG A 383 -10.25 3.12 -4.09
N SER A 384 -9.93 1.90 -4.56
CA SER A 384 -10.56 0.65 -4.14
C SER A 384 -9.55 -0.32 -3.51
N GLY A 385 -10.05 -1.25 -2.71
CA GLY A 385 -9.14 -2.17 -2.04
C GLY A 385 -9.86 -3.05 -1.05
N THR A 386 -9.09 -3.86 -0.33
CA THR A 386 -9.75 -4.65 0.70
C THR A 386 -10.07 -3.78 1.90
N ILE A 387 -10.81 -4.36 2.85
CA ILE A 387 -11.07 -3.69 4.13
C ILE A 387 -9.79 -3.24 4.84
N ASN A 388 -8.78 -4.11 4.88
CA ASN A 388 -7.56 -3.69 5.56
C ASN A 388 -6.90 -2.54 4.81
N ASP A 389 -7.03 -2.51 3.47
CA ASP A 389 -6.53 -1.36 2.70
C ASP A 389 -7.23 -0.08 3.08
N MET A 390 -8.56 -0.12 3.16
CA MET A 390 -9.33 1.05 3.54
C MET A 390 -8.89 1.55 4.92
N LYS A 391 -8.72 0.62 5.85
CA LYS A 391 -8.32 1.02 7.19
C LYS A 391 -6.93 1.65 7.17
N ARG A 392 -5.98 1.03 6.45
CA ARG A 392 -4.61 1.55 6.38
C ARG A 392 -4.57 2.96 5.82
N TYR A 393 -5.29 3.19 4.74
CA TYR A 393 -5.34 4.52 4.15
C TYR A 393 -5.88 5.53 5.14
N TYR A 394 -6.96 5.16 5.83
CA TYR A 394 -7.53 6.07 6.80
C TYR A 394 -6.51 6.39 7.90
N ASN A 395 -5.89 5.35 8.45
CA ASN A 395 -4.91 5.54 9.53
C ASN A 395 -3.72 6.41 9.10
N ASN A 396 -3.20 6.18 7.88
CA ASN A 396 -2.10 6.99 7.32
C ASN A 396 -2.50 8.44 7.09
N GLN A 397 -3.77 8.70 6.76
CA GLN A 397 -4.17 10.11 6.55
C GLN A 397 -4.23 10.80 7.89
N GLN A 398 -4.54 10.06 8.95
CA GLN A 398 -4.66 10.57 10.30
C GLN A 398 -3.30 11.02 10.84
N MET A 432 38.71 21.25 7.33
CA MET A 432 38.53 19.84 6.99
C MET A 432 39.79 19.07 7.26
N SER A 433 39.60 17.81 7.65
CA SER A 433 40.63 16.79 7.75
C SER A 433 40.24 15.79 8.82
N ASN A 434 40.23 14.51 8.45
CA ASN A 434 39.89 13.43 9.37
C ASN A 434 40.46 13.76 10.75
N ASP A 435 41.76 14.01 10.78
CA ASP A 435 42.44 14.38 12.01
C ASP A 435 41.78 15.57 12.72
N ASP A 436 41.42 16.65 12.00
CA ASP A 436 40.77 17.79 12.66
C ASP A 436 39.48 17.37 13.37
N PHE A 437 38.61 16.64 12.64
CA PHE A 437 37.36 16.16 13.24
C PHE A 437 37.65 15.32 14.48
N ARG A 438 38.60 14.39 14.36
CA ARG A 438 38.96 13.53 15.47
C ARG A 438 39.38 14.36 16.66
N LYS A 439 40.20 15.37 16.39
CA LYS A 439 40.74 16.29 17.40
C LYS A 439 39.66 16.96 18.23
N MET A 440 38.58 17.46 17.62
CA MET A 440 37.60 18.08 18.52
C MET A 440 37.10 17.09 19.59
N PHE A 441 36.65 15.90 19.14
CA PHE A 441 36.16 14.82 20.01
C PHE A 441 37.19 14.39 21.04
N LEU A 442 38.43 14.17 20.59
CA LEU A 442 39.53 13.79 21.48
C LEU A 442 39.70 14.86 22.53
N GLY A 443 39.65 16.12 22.09
CA GLY A 443 39.78 17.25 22.99
C GLY A 443 38.75 17.19 24.10
N GLU A 444 37.49 16.88 23.76
CA GLU A 444 36.48 16.79 24.82
C GLU A 444 36.92 15.76 25.88
N LEU A 445 37.38 14.58 25.43
CA LEU A 445 37.84 13.50 26.30
C LEU A 445 39.01 13.95 27.21
N MET B 1 -1.10 3.72 1.03
CA MET B 1 -0.19 2.83 0.32
C MET B 1 -0.82 2.41 -1.02
N GLY B 2 -0.06 1.68 -1.84
CA GLY B 2 -0.47 1.33 -3.19
C GLY B 2 -0.22 -0.14 -3.52
N SER B 3 0.27 -0.35 -4.76
CA SER B 3 0.39 -1.64 -5.46
C SER B 3 -0.96 -2.06 -6.04
N MET B 4 -1.57 -3.07 -5.43
CA MET B 4 -2.92 -3.49 -5.80
C MET B 4 -3.07 -4.04 -7.22
N LEU B 5 -2.51 -3.36 -8.22
CA LEU B 5 -2.88 -3.63 -9.60
C LEU B 5 -2.69 -5.11 -9.92
N PHE B 6 -1.46 -5.61 -9.74
CA PHE B 6 -1.16 -7.00 -10.09
C PHE B 6 -1.75 -7.96 -9.08
N PHE B 7 -2.03 -7.47 -7.88
CA PHE B 7 -2.74 -8.32 -6.93
C PHE B 7 -4.13 -8.59 -7.43
N SER B 8 -4.80 -7.55 -7.90
CA SER B 8 -6.13 -7.73 -8.45
C SER B 8 -6.08 -8.50 -9.75
N PHE B 9 -5.00 -8.30 -10.50
CA PHE B 9 -4.86 -8.97 -11.78
C PHE B 9 -4.84 -10.46 -11.55
N PHE B 10 -4.03 -10.89 -10.58
CA PHE B 10 -3.92 -12.32 -10.31
C PHE B 10 -5.19 -12.86 -9.69
N LYS B 11 -5.85 -12.07 -8.83
CA LYS B 11 -7.10 -12.58 -8.31
C LYS B 11 -8.05 -12.92 -9.46
N THR B 12 -7.91 -12.26 -10.62
CA THR B 12 -8.78 -12.63 -11.74
C THR B 12 -8.37 -13.95 -12.40
N LEU B 13 -7.13 -14.39 -12.23
CA LEU B 13 -6.67 -15.61 -12.89
C LEU B 13 -6.79 -16.82 -12.01
N VAL B 14 -7.38 -16.71 -10.82
CA VAL B 14 -7.50 -17.90 -10.00
C VAL B 14 -8.38 -18.86 -10.80
N ASP B 15 -7.99 -20.14 -10.81
CA ASP B 15 -8.64 -21.27 -11.52
C ASP B 15 -8.26 -21.35 -13.00
N GLN B 16 -7.29 -20.56 -13.45
CA GLN B 16 -6.75 -20.64 -14.80
C GLN B 16 -5.43 -21.43 -14.73
N GLU B 17 -5.14 -22.17 -15.80
CA GLU B 17 -3.88 -22.91 -15.87
C GLU B 17 -2.75 -21.97 -16.28
N VAL B 18 -1.73 -21.82 -15.43
CA VAL B 18 -0.58 -20.98 -15.75
C VAL B 18 0.72 -21.79 -15.64
N VAL B 19 1.81 -21.17 -16.12
CA VAL B 19 3.17 -21.70 -15.97
C VAL B 19 4.04 -20.67 -15.29
N VAL B 20 4.62 -21.03 -14.16
CA VAL B 20 5.50 -20.17 -13.41
C VAL B 20 6.93 -20.58 -13.66
N GLU B 21 7.76 -19.64 -14.13
CA GLU B 21 9.17 -19.88 -14.36
C GLU B 21 9.88 -19.10 -13.28
N LEU B 22 10.84 -19.73 -12.63
CA LEU B 22 11.49 -19.17 -11.46
C LEU B 22 12.88 -18.65 -11.75
N LYS B 23 13.42 -17.97 -10.76
CA LYS B 23 14.78 -17.46 -10.84
C LYS B 23 15.76 -18.64 -10.91
N ASN B 24 15.35 -19.86 -10.48
CA ASN B 24 16.22 -21.03 -10.54
C ASN B 24 16.14 -21.80 -11.82
N ASP B 25 15.33 -21.37 -12.76
CA ASP B 25 15.21 -21.89 -14.11
C ASP B 25 14.14 -22.96 -14.11
N ILE B 26 13.62 -23.34 -12.94
CA ILE B 26 12.54 -24.34 -12.84
C ILE B 26 11.24 -23.80 -13.42
N GLU B 27 10.60 -24.59 -14.27
CA GLU B 27 9.28 -24.23 -14.78
C GLU B 27 8.24 -25.18 -14.21
N ILE B 28 7.12 -24.60 -13.79
CA ILE B 28 6.01 -25.28 -13.13
C ILE B 28 4.65 -24.96 -13.74
N LYS B 29 3.99 -25.98 -14.27
CA LYS B 29 2.64 -25.88 -14.82
C LYS B 29 1.69 -26.10 -13.65
N GLY B 30 0.64 -25.31 -13.55
CA GLY B 30 -0.24 -25.58 -12.43
C GLY B 30 -1.52 -24.77 -12.52
N THR B 31 -2.41 -25.01 -11.56
CA THR B 31 -3.67 -24.29 -11.51
C THR B 31 -3.58 -23.27 -10.37
N LEU B 32 -3.79 -21.99 -10.70
CA LEU B 32 -3.72 -20.94 -9.69
C LEU B 32 -4.82 -21.12 -8.68
N GLN B 33 -4.46 -21.25 -7.41
CA GLN B 33 -5.45 -21.44 -6.37
C GLN B 33 -5.64 -20.23 -5.45
N SER B 34 -4.60 -19.45 -5.21
CA SER B 34 -4.64 -18.27 -4.34
C SER B 34 -3.47 -17.34 -4.68
N VAL B 35 -3.57 -16.09 -4.23
CA VAL B 35 -2.50 -15.11 -4.31
C VAL B 35 -2.66 -14.20 -3.10
N ASP B 36 -1.55 -13.60 -2.65
CA ASP B 36 -1.57 -12.66 -1.52
C ASP B 36 -0.99 -11.31 -1.91
N GLN B 37 -0.99 -10.38 -0.94
CA GLN B 37 -0.49 -9.02 -1.16
C GLN B 37 0.96 -8.96 -1.61
N PHE B 38 1.75 -10.01 -1.42
CA PHE B 38 3.12 -10.03 -1.92
C PHE B 38 3.21 -10.78 -3.24
N LEU B 39 2.09 -11.21 -3.79
CA LEU B 39 2.06 -12.00 -5.02
C LEU B 39 2.78 -13.33 -4.86
N ASN B 40 2.69 -13.91 -3.66
CA ASN B 40 3.03 -15.32 -3.48
C ASN B 40 1.94 -16.13 -4.12
N LEU B 41 2.30 -17.24 -4.74
CA LEU B 41 1.33 -18.05 -5.47
C LEU B 41 1.17 -19.40 -4.83
N LYS B 42 -0.07 -19.89 -4.71
CA LYS B 42 -0.31 -21.29 -4.32
C LYS B 42 -0.90 -22.02 -5.54
N LEU B 43 -0.11 -22.91 -6.15
CA LEU B 43 -0.53 -23.71 -7.29
C LEU B 43 -0.99 -25.13 -6.94
N ASP B 44 -2.17 -25.54 -7.43
CA ASP B 44 -2.63 -26.92 -7.30
C ASP B 44 -2.30 -27.79 -8.53
N ASN B 45 -2.19 -29.10 -8.29
CA ASN B 45 -2.04 -30.17 -9.29
C ASN B 45 -0.92 -29.86 -10.27
N ILE B 46 0.26 -29.57 -9.71
CA ILE B 46 1.39 -29.08 -10.49
C ILE B 46 2.08 -30.20 -11.25
N SER B 47 2.80 -29.82 -12.30
CA SER B 47 3.72 -30.72 -12.98
C SER B 47 4.86 -29.91 -13.58
N CYS B 48 6.09 -30.41 -13.55
CA CYS B 48 7.18 -29.54 -13.94
C CYS B 48 7.12 -29.50 -15.45
N THR B 49 7.19 -28.33 -16.05
CA THR B 49 7.21 -28.33 -17.50
C THR B 49 8.62 -28.32 -18.04
N ASP B 50 8.74 -27.90 -19.31
CA ASP B 50 9.96 -28.08 -20.07
C ASP B 50 10.06 -29.58 -19.79
N GLU B 51 11.00 -30.03 -18.98
CA GLU B 51 11.19 -31.46 -18.83
C GLU B 51 11.14 -31.78 -17.34
N LYS B 52 10.68 -32.98 -16.97
CA LYS B 52 10.81 -33.38 -15.56
C LYS B 52 12.28 -33.60 -15.23
N LYS B 53 13.14 -32.68 -15.70
CA LYS B 53 14.59 -32.76 -15.53
C LYS B 53 14.90 -32.51 -14.07
N TYR B 54 13.98 -31.85 -13.40
CA TYR B 54 13.99 -31.25 -12.08
C TYR B 54 13.04 -32.24 -11.40
N PRO B 55 13.48 -33.48 -11.13
CA PRO B 55 12.58 -34.45 -10.53
C PRO B 55 12.31 -34.19 -9.07
N HIS B 56 13.26 -33.62 -8.34
CA HIS B 56 13.16 -33.03 -7.01
C HIS B 56 11.76 -32.90 -6.38
N LEU B 57 10.70 -33.04 -7.18
CA LEU B 57 9.34 -32.97 -6.68
C LEU B 57 8.69 -34.33 -6.92
N GLY B 58 8.21 -34.57 -8.13
CA GLY B 58 7.42 -35.75 -8.40
C GLY B 58 6.25 -36.02 -7.49
N SER B 59 6.50 -36.28 -6.21
CA SER B 59 5.44 -36.59 -5.26
C SER B 59 4.74 -35.36 -4.70
N VAL B 60 4.75 -34.26 -5.45
CA VAL B 60 4.20 -32.97 -5.03
C VAL B 60 3.08 -32.56 -5.97
N ARG B 61 1.90 -32.36 -5.41
CA ARG B 61 0.77 -31.95 -6.24
C ARG B 61 0.39 -30.49 -6.08
N ASN B 62 0.60 -29.88 -4.91
CA ASN B 62 0.22 -28.48 -4.70
C ASN B 62 1.40 -27.81 -3.98
N ILE B 63 1.89 -26.69 -4.54
CA ILE B 63 2.98 -25.92 -3.96
C ILE B 63 2.64 -24.49 -3.62
N PHE B 64 3.28 -23.99 -2.56
CA PHE B 64 3.28 -22.57 -2.24
C PHE B 64 4.57 -22.00 -2.84
N ILE B 65 4.48 -20.85 -3.50
CA ILE B 65 5.64 -20.22 -4.13
C ILE B 65 5.80 -18.81 -3.58
N ARG B 66 7.00 -18.52 -3.10
CA ARG B 66 7.33 -17.23 -2.52
C ARG B 66 7.39 -16.23 -3.65
N GLY B 67 6.67 -15.12 -3.52
CA GLY B 67 6.51 -14.22 -4.65
C GLY B 67 7.84 -13.75 -5.17
N SER B 68 8.77 -13.48 -4.26
CA SER B 68 10.11 -13.03 -4.57
C SER B 68 10.98 -14.02 -5.35
N THR B 69 10.60 -15.28 -5.44
CA THR B 69 11.31 -16.22 -6.30
C THR B 69 10.74 -16.33 -7.72
N VAL B 70 9.65 -15.66 -8.04
CA VAL B 70 9.13 -15.77 -9.39
C VAL B 70 9.94 -14.93 -10.35
N ARG B 71 10.21 -15.49 -11.53
CA ARG B 71 10.76 -14.71 -12.62
C ARG B 71 9.72 -14.35 -13.66
N TYR B 72 9.00 -15.35 -14.16
CA TYR B 72 7.99 -15.12 -15.17
C TYR B 72 6.72 -15.83 -14.77
N VAL B 73 5.57 -15.25 -15.14
CA VAL B 73 4.31 -15.98 -15.18
C VAL B 73 3.77 -15.91 -16.59
N TYR B 74 3.82 -17.05 -17.27
CA TYR B 74 3.33 -17.19 -18.63
C TYR B 74 1.83 -17.36 -18.58
N LEU B 75 1.11 -16.63 -19.45
CA LEU B 75 -0.33 -16.78 -19.51
C LEU B 75 -0.77 -16.96 -20.96
N ASN B 76 -2.07 -17.17 -21.14
CA ASN B 76 -2.72 -17.21 -22.44
C ASN B 76 -3.41 -15.90 -22.72
N LYS B 77 -3.36 -15.47 -23.98
CA LYS B 77 -4.06 -14.26 -24.40
C LYS B 77 -5.56 -14.27 -24.09
N ASN B 78 -6.20 -15.46 -24.13
CA ASN B 78 -7.64 -15.58 -23.81
C ASN B 78 -7.99 -15.04 -22.42
N MET B 79 -7.03 -15.04 -21.49
CA MET B 79 -7.28 -14.79 -20.07
C MET B 79 -7.31 -13.33 -19.71
N VAL B 80 -6.94 -12.44 -20.61
CA VAL B 80 -6.75 -11.05 -20.21
C VAL B 80 -7.43 -10.09 -21.18
N ASP B 81 -8.09 -9.11 -20.59
CA ASP B 81 -8.64 -7.93 -21.25
C ASP B 81 -7.54 -6.87 -21.33
N THR B 82 -6.92 -6.70 -22.51
CA THR B 82 -5.82 -5.73 -22.58
C THR B 82 -6.28 -4.27 -22.40
N ASN B 83 -7.57 -3.98 -22.61
CA ASN B 83 -8.12 -2.65 -22.33
C ASN B 83 -8.08 -2.34 -20.84
N LEU B 84 -8.54 -3.29 -20.02
CA LEU B 84 -8.50 -3.09 -18.58
C LEU B 84 -7.09 -2.95 -18.07
N LEU B 85 -6.17 -3.67 -18.67
CA LEU B 85 -4.83 -3.58 -18.16
C LEU B 85 -4.23 -2.22 -18.47
N GLN B 86 -4.38 -1.73 -19.72
CA GLN B 86 -3.84 -0.40 -20.02
C GLN B 86 -4.53 0.74 -19.25
N ASP B 87 -5.86 0.68 -19.13
CA ASP B 87 -6.56 1.73 -18.38
C ASP B 87 -6.18 1.69 -16.90
N ALA B 88 -6.21 0.50 -16.31
CA ALA B 88 -5.87 0.37 -14.89
C ALA B 88 -4.46 0.86 -14.65
N THR B 89 -3.53 0.48 -15.53
CA THR B 89 -2.15 0.95 -15.44
C THR B 89 -2.00 2.48 -15.45
N ARG B 90 -2.68 3.15 -16.39
CA ARG B 90 -2.58 4.62 -16.38
C ARG B 90 -3.10 5.23 -15.09
N ARG B 91 -4.20 4.70 -14.57
CA ARG B 91 -4.70 5.13 -13.27
C ARG B 91 -3.75 4.81 -12.09
N GLU B 92 -3.15 3.62 -12.10
CA GLU B 92 -2.25 3.22 -11.02
C GLU B 92 -0.93 3.98 -10.92
N VAL B 93 -0.16 4.13 -12.00
CA VAL B 93 1.09 4.93 -11.86
C VAL B 93 0.76 6.32 -11.33
N MET B 94 -0.36 6.86 -11.82
CA MET B 94 -0.93 8.12 -11.36
C MET B 94 -1.14 8.04 -9.85
N THR B 95 -1.57 6.88 -9.36
CA THR B 95 -1.82 6.71 -7.92
C THR B 95 -0.54 6.63 -7.11
N GLU B 96 0.41 5.74 -7.47
CA GLU B 96 1.55 5.51 -6.56
C GLU B 96 2.38 6.76 -6.29
N ARG B 97 2.44 7.69 -7.23
CA ARG B 97 3.16 8.93 -6.94
C ARG B 97 2.33 10.20 -6.87
N LYS B 98 1.19 10.28 -7.55
CA LYS B 98 0.26 11.44 -7.47
C LYS B 98 0.97 12.78 -7.73
N GLY C 2 6.03 23.42 -17.04
CA GLY C 2 5.51 23.31 -15.69
C GLY C 2 5.27 21.87 -15.26
N SER C 3 4.93 21.68 -13.98
CA SER C 3 4.61 20.38 -13.38
C SER C 3 5.80 19.42 -13.36
N MET C 4 5.54 18.11 -13.25
CA MET C 4 6.63 17.15 -13.13
C MET C 4 6.17 15.78 -13.63
N GLU C 5 6.45 15.49 -14.89
CA GLU C 5 6.25 14.14 -15.38
C GLU C 5 7.26 13.23 -14.67
N THR C 6 6.78 12.21 -13.97
CA THR C 6 7.75 11.31 -13.38
C THR C 6 8.20 10.31 -14.46
N PRO C 7 9.29 9.57 -14.25
CA PRO C 7 9.70 8.63 -15.29
C PRO C 7 8.66 7.57 -15.55
N LEU C 8 7.98 7.16 -14.48
CA LEU C 8 6.86 6.24 -14.61
C LEU C 8 5.75 6.81 -15.50
N ASP C 9 5.36 8.06 -15.27
CA ASP C 9 4.33 8.68 -16.10
C ASP C 9 4.74 8.69 -17.58
N LEU C 10 6.00 9.06 -17.84
CA LEU C 10 6.50 9.09 -19.21
C LEU C 10 6.50 7.69 -19.80
N LEU C 11 6.80 6.68 -18.98
CA LEU C 11 6.77 5.32 -19.50
C LEU C 11 5.34 4.90 -19.82
N LYS C 12 4.38 5.30 -19.00
CA LYS C 12 2.98 5.01 -19.30
C LYS C 12 2.56 5.65 -20.61
N LEU C 13 3.29 6.66 -21.09
CA LEU C 13 3.02 7.17 -22.44
C LEU C 13 3.29 6.11 -23.53
N ASN C 14 4.10 5.07 -23.24
CA ASN C 14 4.49 3.95 -24.13
C ASN C 14 3.55 2.77 -24.06
N LEU C 15 2.53 2.85 -23.22
CA LEU C 15 1.55 1.78 -23.05
C LEU C 15 0.92 1.45 -24.41
N ASP C 16 0.72 0.15 -24.67
CA ASP C 16 0.23 -0.42 -25.93
C ASP C 16 1.25 -0.40 -27.04
N GLU C 17 2.49 -0.04 -26.76
CA GLU C 17 3.51 -0.05 -27.81
C GLU C 17 4.54 -1.13 -27.51
N ARG C 18 5.29 -1.50 -28.54
CA ARG C 18 6.39 -2.44 -28.40
C ARG C 18 7.56 -1.76 -27.67
N VAL C 19 8.03 -2.36 -26.58
CA VAL C 19 9.18 -1.95 -25.78
C VAL C 19 10.28 -3.02 -25.76
N TYR C 20 11.48 -2.56 -25.42
CA TYR C 20 12.70 -3.37 -25.24
C TYR C 20 13.10 -3.31 -23.78
N ILE C 21 13.27 -4.47 -23.17
CA ILE C 21 13.58 -4.53 -21.76
C ILE C 21 14.84 -5.32 -21.60
N LYS C 22 15.80 -4.79 -20.88
CA LYS C 22 16.99 -5.55 -20.59
C LYS C 22 16.87 -6.03 -19.16
N LEU C 23 17.08 -7.33 -19.00
CA LEU C 23 16.94 -8.07 -17.76
C LEU C 23 18.26 -8.60 -17.24
N ARG C 24 18.33 -8.69 -15.91
CA ARG C 24 19.41 -9.40 -15.20
C ARG C 24 19.63 -10.77 -15.78
N GLY C 25 20.90 -11.17 -15.80
CA GLY C 25 21.27 -12.49 -16.27
C GLY C 25 21.46 -12.51 -17.77
N ALA C 26 21.92 -11.41 -18.36
CA ALA C 26 22.16 -11.33 -19.78
C ALA C 26 20.96 -11.79 -20.62
N ARG C 27 19.76 -11.21 -20.35
CA ARG C 27 18.56 -11.59 -21.11
C ARG C 27 17.81 -10.34 -21.54
N THR C 28 17.17 -10.39 -22.70
CA THR C 28 16.37 -9.22 -23.06
C THR C 28 15.03 -9.67 -23.61
N LEU C 29 14.02 -8.86 -23.40
CA LEU C 29 12.70 -9.14 -23.93
C LEU C 29 12.30 -8.00 -24.84
N VAL C 30 11.44 -8.32 -25.80
CA VAL C 30 10.76 -7.31 -26.59
C VAL C 30 9.29 -7.69 -26.68
N GLY C 31 8.42 -6.74 -26.45
CA GLY C 31 7.01 -7.09 -26.49
C GLY C 31 6.16 -5.86 -26.39
N THR C 32 4.87 -6.06 -26.30
CA THR C 32 3.96 -4.94 -26.33
C THR C 32 3.52 -4.72 -24.89
N LEU C 33 3.77 -3.53 -24.37
CA LEU C 33 3.64 -3.30 -22.94
C LEU C 33 2.17 -3.09 -22.58
N GLN C 34 1.57 -4.05 -21.89
CA GLN C 34 0.18 -3.90 -21.47
C GLN C 34 0.08 -3.30 -20.09
N ALA C 35 1.05 -3.55 -19.23
CA ALA C 35 0.91 -2.95 -17.90
C ALA C 35 2.23 -2.90 -17.17
N PHE C 36 2.25 -2.10 -16.11
CA PHE C 36 3.38 -2.03 -15.21
C PHE C 36 2.95 -1.24 -13.99
N ASP C 37 3.66 -1.46 -12.89
CA ASP C 37 3.50 -0.67 -11.67
C ASP C 37 4.80 0.01 -11.28
N SER C 38 4.75 0.66 -10.13
CA SER C 38 5.90 1.35 -9.57
C SER C 38 7.03 0.44 -9.15
N HIS C 39 6.85 -0.89 -9.17
CA HIS C 39 7.97 -1.79 -8.93
C HIS C 39 8.52 -2.30 -10.24
N CYS C 40 7.95 -1.87 -11.36
CA CYS C 40 8.39 -2.30 -12.67
C CYS C 40 7.98 -3.73 -12.95
N ASN C 41 7.02 -4.24 -12.18
CA ASN C 41 6.35 -5.44 -12.65
C ASN C 41 5.71 -5.09 -13.99
N ILE C 42 5.65 -6.06 -14.90
CA ILE C 42 5.18 -5.75 -16.24
C ILE C 42 4.38 -6.90 -16.79
N VAL C 43 3.30 -6.60 -17.49
CA VAL C 43 2.65 -7.57 -18.35
C VAL C 43 2.96 -7.18 -19.78
N LEU C 44 3.59 -8.11 -20.50
CA LEU C 44 3.92 -8.01 -21.91
C LEU C 44 3.09 -9.01 -22.70
N SER C 45 2.52 -8.55 -23.81
CA SER C 45 1.88 -9.42 -24.78
C SER C 45 2.79 -9.57 -26.00
N ASP C 46 2.58 -10.67 -26.71
CA ASP C 46 3.40 -11.06 -27.86
C ASP C 46 4.90 -10.79 -27.63
N ALA C 47 5.41 -11.36 -26.55
CA ALA C 47 6.79 -11.14 -26.14
C ALA C 47 7.75 -12.11 -26.80
N VAL C 48 9.03 -11.71 -26.82
CA VAL C 48 10.15 -12.52 -27.32
C VAL C 48 11.34 -12.37 -26.37
N GLU C 49 11.69 -13.44 -25.66
CA GLU C 49 12.83 -13.45 -24.74
C GLU C 49 14.03 -13.90 -25.53
N THR C 50 15.21 -13.44 -25.12
CA THR C 50 16.45 -13.73 -25.80
C THR C 50 17.51 -13.98 -24.75
N ILE C 51 18.08 -15.18 -24.71
CA ILE C 51 19.06 -15.45 -23.68
C ILE C 51 20.43 -15.48 -24.36
N TYR C 52 21.35 -14.64 -23.86
CA TYR C 52 22.72 -14.51 -24.35
C TYR C 52 23.73 -15.21 -23.47
N GLN C 53 24.57 -16.08 -24.03
CA GLN C 53 25.56 -16.81 -23.24
C GLN C 53 26.93 -16.70 -23.92
N LEU C 54 27.99 -16.96 -23.14
CA LEU C 54 29.40 -17.00 -23.59
C LEU C 54 29.97 -18.42 -23.61
N ASN C 55 30.10 -19.01 -24.78
CA ASN C 55 30.86 -20.25 -24.93
C ASN C 55 32.33 -19.86 -25.15
N ASN C 56 33.15 -19.99 -24.09
CA ASN C 56 34.58 -19.75 -24.18
C ASN C 56 34.75 -18.38 -24.81
N GLU C 57 34.93 -18.27 -26.11
CA GLU C 57 35.13 -16.93 -26.63
C GLU C 57 34.22 -16.66 -27.81
N GLU C 58 33.09 -17.37 -27.92
CA GLU C 58 32.07 -17.06 -28.91
C GLU C 58 30.70 -16.93 -28.27
N LEU C 59 30.02 -15.89 -28.71
CA LEU C 59 28.71 -15.45 -28.24
C LEU C 59 27.59 -16.27 -28.83
N SER C 60 26.71 -16.83 -27.99
CA SER C 60 25.64 -17.62 -28.55
C SER C 60 24.35 -17.19 -27.87
N GLU C 61 23.24 -17.45 -28.55
CA GLU C 61 21.93 -16.98 -28.17
C GLU C 61 20.84 -17.98 -28.49
N SER C 62 19.71 -17.84 -27.79
CA SER C 62 18.56 -18.70 -28.02
C SER C 62 17.40 -17.82 -27.73
N GLU C 63 16.24 -18.25 -28.16
CA GLU C 63 15.11 -17.35 -28.10
C GLU C 63 13.86 -18.13 -27.68
N ARG C 64 13.01 -17.48 -26.90
CA ARG C 64 11.71 -18.03 -26.56
C ARG C 64 10.68 -16.98 -26.94
N ARG C 65 9.46 -17.42 -27.21
CA ARG C 65 8.41 -16.52 -27.61
C ARG C 65 7.14 -16.87 -26.85
N CYS C 66 6.34 -15.88 -26.50
CA CYS C 66 5.16 -16.22 -25.73
C CYS C 66 4.05 -15.19 -25.92
N GLU C 67 2.82 -15.68 -25.73
CA GLU C 67 1.61 -14.89 -25.95
C GLU C 67 1.49 -13.74 -24.96
N MET C 68 1.60 -14.07 -23.67
CA MET C 68 1.25 -13.19 -22.56
C MET C 68 2.11 -13.62 -21.37
N VAL C 69 2.84 -12.67 -20.80
CA VAL C 69 3.83 -13.00 -19.77
C VAL C 69 3.90 -11.90 -18.70
N PHE C 70 3.77 -12.30 -17.44
CA PHE C 70 4.06 -11.42 -16.30
C PHE C 70 5.55 -11.46 -15.96
N ILE C 71 6.11 -10.30 -15.62
CA ILE C 71 7.53 -10.13 -15.34
C ILE C 71 7.74 -9.43 -14.00
N ARG C 72 8.45 -10.08 -13.09
CA ARG C 72 8.68 -9.51 -11.77
C ARG C 72 9.67 -8.37 -11.87
N GLY C 73 9.32 -7.23 -11.30
CA GLY C 73 10.11 -6.03 -11.50
C GLY C 73 11.57 -6.20 -11.12
N ASP C 74 11.85 -7.00 -10.10
CA ASP C 74 13.22 -7.05 -9.61
C ASP C 74 14.21 -7.64 -10.61
N THR C 75 13.74 -8.25 -11.69
CA THR C 75 14.65 -8.72 -12.71
C THR C 75 14.94 -7.65 -13.78
N VAL C 76 14.19 -6.53 -13.79
CA VAL C 76 14.28 -5.50 -14.83
C VAL C 76 15.42 -4.52 -14.55
N THR C 77 16.35 -4.38 -15.51
CA THR C 77 17.42 -3.38 -15.39
C THR C 77 17.19 -2.14 -16.25
N LEU C 78 16.61 -2.28 -17.45
CA LEU C 78 16.25 -1.05 -18.19
C LEU C 78 15.12 -1.29 -19.21
N ILE C 79 14.37 -0.22 -19.50
CA ILE C 79 13.34 -0.20 -20.54
C ILE C 79 13.60 0.90 -21.57
N SER C 80 13.42 0.56 -22.85
CA SER C 80 13.49 1.50 -23.96
C SER C 80 12.60 0.94 -25.08
N THR C 81 12.85 1.35 -26.33
CA THR C 81 12.13 0.91 -27.53
C THR C 81 13.06 0.20 -28.52
N PRO C 82 12.58 -0.79 -29.30
CA PRO C 82 13.50 -1.67 -30.04
C PRO C 82 14.44 -0.90 -31.02
N LEU D 5 3.97 -18.22 14.94
CA LEU D 5 4.57 -19.13 15.92
C LEU D 5 6.13 -19.20 16.02
N PRO D 6 6.94 -18.79 14.96
CA PRO D 6 8.39 -19.05 15.03
C PRO D 6 9.12 -18.11 15.96
N LEU D 7 8.85 -16.80 15.84
CA LEU D 7 9.53 -15.86 16.73
C LEU D 7 9.15 -16.12 18.19
N TYR D 8 7.91 -16.55 18.41
CA TYR D 8 7.47 -17.06 19.71
C TYR D 8 8.42 -18.16 20.21
N LEU D 9 8.72 -19.13 19.35
CA LEU D 9 9.64 -20.20 19.71
C LEU D 9 11.02 -19.65 20.04
N LEU D 10 11.47 -18.62 19.33
CA LEU D 10 12.75 -18.03 19.70
C LEU D 10 12.66 -17.34 21.05
N THR D 11 11.54 -16.66 21.32
CA THR D 11 11.37 -15.98 22.61
C THR D 11 11.50 -16.97 23.75
N ASN D 12 10.81 -18.11 23.65
CA ASN D 12 10.94 -19.14 24.66
C ASN D 12 12.29 -19.85 24.58
N ALA D 13 12.92 -19.85 23.40
CA ALA D 13 14.22 -20.51 23.22
C ALA D 13 15.33 -19.85 24.02
N LYS D 14 15.01 -18.73 24.67
CA LYS D 14 15.98 -17.97 25.45
C LYS D 14 16.69 -18.90 26.42
N GLY D 15 18.02 -18.96 26.29
CA GLY D 15 18.85 -19.81 27.13
C GLY D 15 19.28 -21.12 26.50
N GLN D 16 18.85 -21.42 25.28
CA GLN D 16 19.19 -22.65 24.57
C GLN D 16 20.55 -22.54 23.87
N GLN D 17 21.15 -23.69 23.58
CA GLN D 17 22.29 -23.69 22.69
C GLN D 17 21.79 -23.58 21.27
N MET D 18 22.56 -22.90 20.43
CA MET D 18 22.15 -22.64 19.06
C MET D 18 23.35 -22.54 18.14
N GLN D 19 23.11 -22.92 16.89
CA GLN D 19 24.04 -22.78 15.78
C GLN D 19 23.34 -21.96 14.71
N ILE D 20 23.99 -20.88 14.29
CA ILE D 20 23.40 -19.91 13.37
C ILE D 20 24.30 -19.83 12.16
N GLU D 21 23.77 -20.23 11.01
CA GLU D 21 24.48 -20.05 9.75
C GLU D 21 23.95 -18.79 9.10
N LEU D 22 24.85 -17.83 8.83
CA LEU D 22 24.54 -16.52 8.29
C LEU D 22 24.57 -16.54 6.75
N LYS D 23 24.19 -15.41 6.14
CA LYS D 23 24.27 -15.34 4.69
C LYS D 23 25.70 -15.52 4.21
N ASN D 24 26.69 -15.06 4.99
CA ASN D 24 28.09 -15.20 4.62
C ASN D 24 28.66 -16.56 5.02
N GLY D 25 27.82 -17.58 5.11
CA GLY D 25 28.33 -18.94 5.29
C GLY D 25 29.15 -19.18 6.54
N GLU D 26 29.39 -18.11 7.30
CA GLU D 26 30.01 -18.24 8.60
C GLU D 26 29.04 -18.92 9.57
N ILE D 27 29.59 -19.48 10.62
CA ILE D 27 28.78 -20.17 11.62
C ILE D 27 28.97 -19.46 12.94
N ILE D 28 27.92 -19.49 13.77
CA ILE D 28 27.97 -18.97 15.12
C ILE D 28 27.39 -20.02 16.05
N GLN D 29 28.07 -20.27 17.18
CA GLN D 29 27.65 -21.30 18.12
C GLN D 29 27.61 -20.64 19.49
N GLY D 30 26.42 -20.56 20.07
CA GLY D 30 26.29 -19.76 21.26
C GLY D 30 24.99 -20.06 21.95
N ILE D 31 24.67 -19.25 22.95
CA ILE D 31 23.53 -19.50 23.83
C ILE D 31 22.63 -18.28 23.81
N LEU D 32 21.61 -18.30 22.96
CA LEU D 32 20.63 -17.24 22.83
C LEU D 32 20.31 -16.59 24.17
N THR D 33 20.34 -15.25 24.19
CA THR D 33 20.03 -14.49 25.38
C THR D 33 18.96 -13.43 25.14
N ASN D 34 18.69 -13.08 23.89
CA ASN D 34 17.62 -12.15 23.57
C ASN D 34 17.38 -12.20 22.07
N VAL D 35 16.10 -12.13 21.69
CA VAL D 35 15.69 -11.90 20.31
C VAL D 35 14.75 -10.70 20.34
N ASP D 36 14.48 -10.13 19.16
CA ASP D 36 13.43 -9.11 19.10
C ASP D 36 12.45 -9.44 17.95
N ASN D 37 11.41 -8.63 17.81
CA ASN D 37 10.36 -8.97 16.86
C ASN D 37 10.87 -8.95 15.43
N TRP D 38 12.08 -8.48 15.20
CA TRP D 38 12.68 -8.46 13.87
C TRP D 38 13.65 -9.63 13.64
N MET D 39 13.83 -10.47 14.65
CA MET D 39 14.66 -11.68 14.70
C MET D 39 16.15 -11.38 14.91
N ASN D 40 16.53 -10.17 15.34
CA ASN D 40 17.92 -9.97 15.74
C ASN D 40 18.21 -10.73 17.02
N LEU D 41 19.48 -11.09 17.22
CA LEU D 41 19.85 -11.85 18.39
C LEU D 41 21.05 -11.26 19.13
N THR D 42 21.16 -11.65 20.39
CA THR D 42 22.37 -11.56 21.20
C THR D 42 22.59 -12.91 21.85
N LEU D 43 23.82 -13.40 21.83
CA LEU D 43 24.08 -14.75 22.27
C LEU D 43 25.32 -14.78 23.16
N SER D 44 25.29 -15.75 24.08
CA SER D 44 26.29 -15.93 25.12
C SER D 44 27.30 -17.01 24.73
N ASN D 45 28.59 -16.67 24.79
CA ASN D 45 29.69 -17.63 24.72
C ASN D 45 29.74 -18.32 23.37
N VAL D 46 30.59 -17.79 22.50
CA VAL D 46 30.38 -17.84 21.06
C VAL D 46 31.62 -18.37 20.37
N THR D 47 31.40 -19.10 19.27
CA THR D 47 32.46 -19.62 18.41
C THR D 47 32.19 -19.19 16.97
N GLU D 48 33.12 -18.42 16.37
CA GLU D 48 32.99 -18.04 14.96
C GLU D 48 33.71 -19.06 14.08
N TYR D 49 33.09 -19.42 12.95
CA TYR D 49 33.59 -20.47 12.08
C TYR D 49 33.23 -20.24 10.59
N LYS D 68 35.02 -17.47 20.09
CA LYS D 68 35.90 -16.97 21.14
C LYS D 68 35.20 -15.92 22.02
N LEU D 69 34.18 -15.27 21.46
CA LEU D 69 33.55 -14.10 22.06
C LEU D 69 32.54 -14.51 23.13
N ASN D 70 32.23 -13.55 24.01
CA ASN D 70 31.32 -13.76 25.14
C ASN D 70 29.88 -13.34 24.82
N GLU D 71 29.69 -12.15 24.24
CA GLU D 71 28.41 -11.80 23.66
C GLU D 71 28.57 -11.66 22.15
N ILE D 72 27.43 -11.64 21.44
CA ILE D 72 27.42 -11.23 20.04
C ILE D 72 26.02 -10.77 19.66
N TYR D 73 25.97 -9.78 18.77
CA TYR D 73 24.71 -9.28 18.22
C TYR D 73 24.67 -9.61 16.73
N ILE D 74 23.58 -10.25 16.30
CA ILE D 74 23.42 -10.74 14.94
C ILE D 74 22.20 -10.09 14.32
N ARG D 75 22.43 -9.36 13.24
CA ARG D 75 21.37 -8.68 12.50
C ARG D 75 20.51 -9.71 11.79
N GLY D 76 19.22 -9.72 12.13
CA GLY D 76 18.34 -10.78 11.69
C GLY D 76 18.28 -10.97 10.20
N THR D 77 18.42 -9.88 9.44
CA THR D 77 18.42 -10.02 7.99
C THR D 77 19.60 -10.87 7.51
N PHE D 78 20.66 -10.99 8.29
CA PHE D 78 21.84 -11.72 7.86
C PHE D 78 21.84 -13.17 8.31
N ILE D 79 20.69 -13.70 8.69
CA ILE D 79 20.58 -15.08 9.13
C ILE D 79 20.07 -15.92 7.98
N LYS D 80 20.74 -17.05 7.72
CA LYS D 80 20.23 -18.04 6.79
C LYS D 80 19.34 -19.06 7.50
N PHE D 81 19.80 -19.60 8.62
CA PHE D 81 18.93 -20.40 9.48
C PHE D 81 19.61 -20.69 10.81
N ILE D 82 18.81 -21.20 11.75
CA ILE D 82 19.23 -21.50 13.10
C ILE D 82 18.90 -22.95 13.39
N LYS D 83 19.92 -23.75 13.69
CA LYS D 83 19.70 -25.12 14.12
C LYS D 83 19.55 -25.13 15.63
N LEU D 84 18.38 -25.53 16.12
CA LEU D 84 18.17 -25.60 17.56
C LEU D 84 18.47 -27.00 18.08
N GLN D 85 18.20 -27.21 19.37
CA GLN D 85 18.37 -28.53 19.97
C GLN D 85 17.14 -29.39 19.75
N ASP D 86 17.36 -30.69 19.51
CA ASP D 86 16.26 -31.63 19.28
C ASP D 86 15.15 -31.49 20.32
N ASN D 87 15.49 -30.96 21.50
CA ASN D 87 14.54 -30.73 22.57
C ASN D 87 13.38 -29.86 22.11
N MET E 4 31.83 16.48 34.76
CA MET E 4 32.70 15.32 34.47
C MET E 4 32.41 14.64 33.12
N SER E 5 31.33 13.85 33.05
CA SER E 5 30.97 13.01 31.90
C SER E 5 30.86 13.81 30.60
N LEU E 6 31.89 13.71 29.74
CA LEU E 6 32.07 14.56 28.57
C LEU E 6 31.10 14.14 27.46
N PRO E 7 30.50 15.08 26.73
CA PRO E 7 29.26 14.76 26.01
C PRO E 7 29.44 13.75 24.88
N GLU E 8 28.30 13.27 24.39
CA GLU E 8 28.27 12.27 23.32
C GLU E 8 28.22 12.81 21.89
N ILE E 9 28.73 11.97 21.02
CA ILE E 9 28.75 12.13 19.58
C ILE E 9 27.63 11.29 18.95
N LEU E 10 26.81 11.93 18.10
CA LEU E 10 25.69 11.21 17.51
C LEU E 10 26.03 11.16 16.03
N PRO E 11 26.00 9.95 15.42
CA PRO E 11 26.40 9.79 14.01
C PRO E 11 25.83 10.75 12.99
N LEU E 12 24.52 10.95 12.98
CA LEU E 12 23.94 11.87 11.99
C LEU E 12 24.46 13.29 12.24
N GLU E 13 24.74 13.62 13.50
CA GLU E 13 25.33 14.90 13.84
C GLU E 13 26.74 15.04 13.27
N VAL E 14 27.56 13.97 13.30
CA VAL E 14 28.87 14.00 12.67
C VAL E 14 28.72 14.28 11.18
N ILE E 15 27.78 13.58 10.54
CA ILE E 15 27.60 13.79 9.11
C ILE E 15 27.15 15.21 8.86
N ASP E 16 26.29 15.77 9.72
CA ASP E 16 25.94 17.18 9.56
C ASP E 16 27.20 18.03 9.62
N LYS E 17 28.06 17.78 10.63
CA LYS E 17 29.32 18.49 10.81
C LYS E 17 30.30 18.30 9.66
N THR E 18 29.96 17.47 8.69
CA THR E 18 30.86 17.22 7.59
C THR E 18 30.44 17.99 6.35
N ILE E 19 29.25 18.57 6.38
CA ILE E 19 28.79 19.38 5.26
C ILE E 19 29.76 20.52 5.04
N ASN E 20 30.16 20.68 3.78
CA ASN E 20 31.17 21.58 3.25
C ASN E 20 32.60 21.12 3.52
N GLN E 21 32.81 20.01 4.19
CA GLN E 21 34.16 19.48 4.25
C GLN E 21 34.34 18.40 3.20
N LYS E 22 35.59 18.07 2.91
CA LYS E 22 35.87 16.83 2.19
C LYS E 22 35.43 15.62 2.99
N VAL E 23 34.88 14.64 2.25
CA VAL E 23 34.48 13.33 2.77
C VAL E 23 34.78 12.21 1.78
N LEU E 24 35.07 11.05 2.33
CA LEU E 24 35.21 9.82 1.57
C LEU E 24 34.05 8.91 1.91
N ILE E 25 33.29 8.50 0.90
CA ILE E 25 32.13 7.63 1.07
C ILE E 25 32.56 6.28 0.55
N VAL E 26 32.59 5.27 1.40
CA VAL E 26 32.95 3.94 0.99
C VAL E 26 31.71 3.07 0.93
N LEU E 27 31.54 2.36 -0.18
CA LEU E 27 30.40 1.49 -0.38
C LEU E 27 30.67 0.13 0.21
N GLN E 28 29.69 -0.77 0.09
CA GLN E 28 29.87 -2.15 0.51
C GLN E 28 30.89 -2.88 -0.34
N SER E 29 30.87 -2.65 -1.66
CA SER E 29 31.90 -3.19 -2.54
C SER E 29 33.21 -2.44 -2.36
N ASN E 30 34.20 -2.80 -3.17
CA ASN E 30 35.50 -2.17 -3.06
C ASN E 30 35.48 -0.98 -4.00
N ARG E 31 34.80 0.08 -3.54
CA ARG E 31 34.55 1.31 -4.27
C ARG E 31 34.32 2.44 -3.30
N GLU E 32 34.85 3.61 -3.62
CA GLU E 32 34.68 4.79 -2.78
C GLU E 32 34.63 6.05 -3.64
N PHE E 33 34.04 7.09 -3.08
CA PHE E 33 33.86 8.38 -3.75
C PHE E 33 34.37 9.42 -2.79
N GLU E 34 35.30 10.24 -3.24
CA GLU E 34 35.77 11.32 -2.40
C GLU E 34 35.28 12.64 -3.00
N GLY E 35 34.80 13.52 -2.16
CA GLY E 35 34.26 14.76 -2.68
C GLY E 35 33.80 15.59 -1.53
N THR E 36 33.30 16.77 -1.86
CA THR E 36 32.79 17.66 -0.84
C THR E 36 31.34 17.34 -0.58
N LEU E 37 30.99 17.19 0.69
CA LEU E 37 29.63 16.78 1.03
C LEU E 37 28.74 18.02 1.01
N VAL E 38 27.71 17.98 0.17
CA VAL E 38 26.80 19.10 -0.02
C VAL E 38 25.63 19.00 0.93
N GLY E 39 25.10 17.80 1.06
CA GLY E 39 23.95 17.59 1.90
C GLY E 39 23.54 16.15 1.85
N PHE E 40 22.56 15.81 2.67
CA PHE E 40 22.04 14.48 2.69
C PHE E 40 20.60 14.53 3.17
N ASP E 41 19.91 13.42 2.95
CA ASP E 41 18.53 13.28 3.35
C ASP E 41 18.39 12.28 4.48
N ASP E 42 17.14 11.95 4.77
CA ASP E 42 16.81 11.06 5.86
C ASP E 42 17.49 9.71 5.69
N PHE E 43 17.51 9.18 4.46
CA PHE E 43 18.09 7.89 4.11
C PHE E 43 19.58 7.94 3.81
N VAL E 44 20.23 9.05 4.11
CA VAL E 44 21.64 9.24 3.81
C VAL E 44 21.94 9.07 2.33
N ASN E 45 21.00 9.48 1.46
CA ASN E 45 21.41 9.75 0.09
C ASN E 45 22.25 11.01 0.17
N VAL E 46 23.37 11.02 -0.52
CA VAL E 46 24.34 12.11 -0.36
C VAL E 46 24.53 12.83 -1.69
N ILE E 47 24.60 14.16 -1.64
CA ILE E 47 24.97 14.98 -2.79
C ILE E 47 26.46 15.33 -2.67
N LEU E 48 27.27 14.88 -3.63
CA LEU E 48 28.69 15.20 -3.62
C LEU E 48 29.04 16.13 -4.79
N GLU E 49 30.03 17.01 -4.59
CA GLU E 49 30.51 17.92 -5.63
C GLU E 49 31.94 17.57 -6.07
N ASP E 50 32.17 17.51 -7.39
CA ASP E 50 33.47 17.19 -8.02
C ASP E 50 34.15 15.97 -7.38
N ALA E 51 33.42 14.87 -7.46
CA ALA E 51 33.75 13.59 -6.83
C ALA E 51 34.79 12.79 -7.60
N VAL E 52 35.75 12.23 -6.87
CA VAL E 52 36.62 11.18 -7.40
C VAL E 52 36.01 9.82 -7.11
N GLU E 53 35.93 8.96 -8.13
CA GLU E 53 35.46 7.60 -7.97
C GLU E 53 36.65 6.64 -8.03
N TRP E 54 36.85 5.86 -6.98
CA TRP E 54 37.91 4.83 -6.91
C TRP E 54 37.37 3.41 -6.82
N LEU E 55 37.95 2.52 -7.59
CA LEU E 55 37.96 1.09 -7.30
C LEU E 55 39.23 0.83 -6.45
N ILE E 56 39.12 0.01 -5.41
CA ILE E 56 40.21 -0.18 -4.44
C ILE E 56 40.78 -1.59 -4.47
N ASP E 57 42.11 -1.67 -4.59
CA ASP E 57 42.81 -2.96 -4.54
C ASP E 57 42.94 -3.37 -3.08
N PRO E 58 42.45 -4.55 -2.70
CA PRO E 58 42.57 -5.00 -1.30
C PRO E 58 43.99 -5.10 -0.74
N GLU E 59 44.94 -5.55 -1.55
CA GLU E 59 46.31 -5.76 -1.06
C GLU E 59 47.12 -4.47 -1.06
N ASP E 60 47.05 -3.71 -2.14
CA ASP E 60 47.89 -2.53 -2.30
C ASP E 60 47.08 -1.30 -2.65
N GLU E 61 46.98 -0.36 -1.70
CA GLU E 61 46.30 0.93 -1.84
C GLU E 61 46.88 1.85 -2.92
N SER E 62 48.05 1.52 -3.48
CA SER E 62 48.63 2.28 -4.57
C SER E 62 48.06 1.91 -5.93
N ARG E 63 47.66 0.63 -6.08
CA ARG E 63 47.09 0.07 -7.31
C ARG E 63 45.57 0.26 -7.34
N ASN E 64 45.12 1.30 -6.66
CA ASN E 64 43.77 1.79 -6.75
C ASN E 64 43.54 2.33 -8.15
N GLU E 65 42.29 2.34 -8.59
CA GLU E 65 41.96 2.74 -9.95
C GLU E 65 40.98 3.89 -9.88
N LYS E 66 41.37 5.03 -10.43
CA LYS E 66 40.45 6.16 -10.54
C LYS E 66 39.53 5.90 -11.71
N VAL E 67 38.27 5.63 -11.43
CA VAL E 67 37.29 5.34 -12.47
C VAL E 67 36.85 6.60 -13.19
N MET E 68 36.61 7.68 -12.46
CA MET E 68 36.26 8.91 -13.14
C MET E 68 36.46 10.10 -12.23
N GLN E 69 36.75 11.24 -12.85
CA GLN E 69 36.69 12.52 -12.16
C GLN E 69 35.34 13.13 -12.48
N HIS E 70 34.50 13.27 -11.47
CA HIS E 70 33.21 13.87 -11.74
C HIS E 70 33.32 15.38 -11.57
N HIS E 71 32.52 16.09 -12.35
CA HIS E 71 32.36 17.53 -12.23
C HIS E 71 30.89 17.80 -12.02
N GLY E 72 30.61 18.82 -11.23
CA GLY E 72 29.26 19.10 -10.89
C GLY E 72 28.90 18.26 -9.68
N ARG E 73 27.61 18.13 -9.46
CA ARG E 73 27.10 17.36 -8.34
C ARG E 73 26.58 15.99 -8.78
N MET E 74 26.76 15.02 -7.89
CA MET E 74 26.18 13.70 -8.07
C MET E 74 25.34 13.34 -6.85
N LEU E 75 24.29 12.59 -7.11
CA LEU E 75 23.50 12.02 -6.04
C LEU E 75 23.96 10.57 -5.94
N LEU E 76 24.49 10.23 -4.77
CA LEU E 76 24.99 8.89 -4.52
C LEU E 76 23.98 8.27 -3.57
N SER E 77 23.33 7.21 -4.03
CA SER E 77 22.27 6.56 -3.29
C SER E 77 22.81 5.86 -2.05
N GLY E 78 22.13 6.07 -0.92
CA GLY E 78 22.62 5.57 0.35
C GLY E 78 22.41 4.08 0.59
N ASN E 79 21.77 3.39 -0.36
CA ASN E 79 21.64 1.94 -0.39
C ASN E 79 22.93 1.19 -0.10
N ASN E 80 24.00 1.54 -0.77
CA ASN E 80 25.21 0.74 -0.74
C ASN E 80 26.28 1.36 0.13
N ILE E 81 25.95 2.47 0.80
CA ILE E 81 26.92 3.25 1.56
C ILE E 81 27.18 2.59 2.90
N ALA E 82 28.40 2.10 3.06
CA ALA E 82 28.86 1.48 4.28
C ALA E 82 29.51 2.47 5.24
N ILE E 83 30.41 3.32 4.78
CA ILE E 83 31.27 4.11 5.68
C ILE E 83 31.41 5.54 5.18
N LEU E 84 31.26 6.51 6.09
CA LEU E 84 31.55 7.91 5.81
C LEU E 84 32.76 8.38 6.63
N VAL E 85 33.78 8.87 5.94
CA VAL E 85 35.01 9.36 6.57
C VAL E 85 35.10 10.87 6.33
N PRO E 86 34.81 11.72 7.33
CA PRO E 86 34.97 13.17 7.15
C PRO E 86 36.43 13.60 6.94
N GLY E 87 36.66 14.55 6.03
CA GLY E 87 38.04 14.98 5.77
C GLY E 87 38.77 14.22 4.69
N GLY E 88 38.24 13.07 4.31
CA GLY E 88 38.70 12.19 3.25
C GLY E 88 39.82 11.25 3.71
N LYS E 89 40.55 10.75 2.71
CA LYS E 89 41.54 9.69 2.88
C LYS E 89 42.74 10.08 3.75
N LYS E 90 43.94 9.78 3.25
CA LYS E 90 45.20 10.09 3.92
C LYS E 90 46.37 9.70 3.03
N SER F 12 15.92 17.85 2.00
CA SER F 12 15.61 18.99 1.13
C SER F 12 16.73 19.16 0.12
N VAL F 13 17.99 19.14 0.59
CA VAL F 13 19.14 19.38 -0.30
C VAL F 13 19.02 18.52 -1.55
N THR F 14 18.40 17.34 -1.40
CA THR F 14 18.26 16.36 -2.46
C THR F 14 17.15 16.76 -3.42
N THR F 15 16.01 17.23 -2.90
CA THR F 15 14.94 17.63 -3.80
C THR F 15 15.33 18.87 -4.60
N GLU F 16 16.11 19.77 -4.00
CA GLU F 16 16.55 20.94 -4.75
C GLU F 16 17.53 20.49 -5.82
N PHE F 17 18.30 19.43 -5.53
CA PHE F 17 19.22 18.88 -6.54
C PHE F 17 18.44 18.30 -7.70
N LEU F 18 17.37 17.56 -7.40
CA LEU F 18 16.59 17.02 -8.48
C LEU F 18 16.00 18.13 -9.32
N SER F 19 15.58 19.23 -8.69
CA SER F 19 15.01 20.32 -9.46
C SER F 19 16.02 20.93 -10.43
N ASP F 20 17.22 21.24 -9.94
CA ASP F 20 18.20 21.89 -10.81
C ASP F 20 19.13 20.91 -11.52
N ILE F 21 18.69 19.68 -11.82
CA ILE F 21 19.41 18.85 -12.77
C ILE F 21 18.51 18.33 -13.87
N ILE F 22 17.20 18.62 -13.81
CA ILE F 22 16.31 18.40 -14.95
C ILE F 22 16.84 19.14 -16.18
N GLY F 23 16.99 18.42 -17.28
CA GLY F 23 17.43 19.02 -18.52
C GLY F 23 18.92 18.99 -18.78
N LYS F 24 19.75 18.81 -17.74
CA LYS F 24 21.18 18.73 -17.93
C LYS F 24 21.64 17.35 -18.38
N THR F 25 22.80 17.31 -19.04
CA THR F 25 23.39 16.02 -19.37
C THR F 25 23.99 15.37 -18.12
N VAL F 26 23.72 14.07 -17.92
CA VAL F 26 24.23 13.34 -16.77
C VAL F 26 24.81 11.98 -17.16
N ASN F 27 25.50 11.38 -16.16
CA ASN F 27 25.87 9.97 -16.06
C ASN F 27 25.11 9.29 -14.93
N VAL F 28 24.51 8.15 -15.23
CA VAL F 28 23.76 7.34 -14.29
C VAL F 28 24.43 5.97 -14.26
N LYS F 29 25.04 5.63 -13.12
CA LYS F 29 25.69 4.34 -12.95
C LYS F 29 24.79 3.44 -12.10
N LEU F 30 24.55 2.20 -12.58
CA LEU F 30 23.76 1.20 -11.87
C LEU F 30 24.66 0.46 -10.90
N ALA F 31 24.03 -0.36 -10.04
CA ALA F 31 24.80 -1.18 -9.09
C ALA F 31 25.61 -2.21 -9.81
N SER F 32 25.11 -2.66 -10.94
CA SER F 32 25.80 -3.61 -11.80
C SER F 32 27.05 -3.02 -12.43
N GLY F 33 27.26 -1.72 -12.34
CA GLY F 33 28.39 -1.06 -12.93
C GLY F 33 28.14 -0.54 -14.32
N LEU F 34 26.99 -0.81 -14.91
CA LEU F 34 26.61 -0.17 -16.17
C LEU F 34 26.44 1.35 -16.04
N LEU F 35 26.92 2.07 -17.04
CA LEU F 35 26.97 3.53 -17.03
C LEU F 35 26.21 4.03 -18.25
N TYR F 36 25.26 4.91 -18.00
CA TYR F 36 24.36 5.49 -18.99
C TYR F 36 24.62 6.99 -19.04
N SER F 37 24.79 7.54 -20.23
CA SER F 37 24.96 8.99 -20.41
C SER F 37 23.89 9.60 -21.31
N GLY F 38 23.43 10.79 -20.97
CA GLY F 38 22.48 11.47 -21.84
C GLY F 38 21.80 12.62 -21.12
N ARG F 39 20.67 13.05 -21.66
CA ARG F 39 19.98 14.23 -21.15
C ARG F 39 18.89 13.72 -20.23
N LEU F 40 18.82 14.29 -19.03
CA LEU F 40 17.87 13.79 -18.04
C LEU F 40 16.50 14.41 -18.30
N GLU F 41 15.66 13.62 -18.95
CA GLU F 41 14.26 13.96 -19.22
C GLU F 41 13.42 13.92 -17.94
N SER F 42 13.65 12.92 -17.08
CA SER F 42 12.85 12.90 -15.87
C SER F 42 13.56 12.18 -14.73
N ILE F 43 13.24 12.58 -13.49
CA ILE F 43 13.71 11.87 -12.31
C ILE F 43 12.66 11.99 -11.20
N ASP F 44 12.45 10.92 -10.40
CA ASP F 44 11.53 11.00 -9.26
C ASP F 44 12.27 10.87 -7.91
N GLY F 45 11.47 10.83 -6.86
CA GLY F 45 12.00 10.73 -5.51
C GLY F 45 12.69 9.43 -5.23
N PHE F 46 12.28 8.37 -5.91
CA PHE F 46 12.86 7.05 -5.79
C PHE F 46 14.06 6.84 -6.69
N MET F 47 14.50 7.89 -7.37
CA MET F 47 15.61 7.88 -8.30
C MET F 47 15.37 7.05 -9.51
N ASN F 48 14.11 6.83 -9.86
CA ASN F 48 13.83 6.38 -11.21
C ASN F 48 14.25 7.45 -12.22
N VAL F 49 14.77 7.03 -13.37
CA VAL F 49 15.33 8.02 -14.30
C VAL F 49 14.78 7.79 -15.71
N ALA F 50 14.45 8.86 -16.42
CA ALA F 50 14.29 8.77 -17.87
C ALA F 50 15.37 9.59 -18.55
N LEU F 51 16.09 8.98 -19.51
CA LEU F 51 17.15 9.65 -20.26
C LEU F 51 16.99 9.51 -21.78
N SER F 52 17.12 10.63 -22.49
CA SER F 52 17.18 10.70 -23.95
C SER F 52 18.63 10.65 -24.47
N SER F 53 18.81 10.01 -25.62
CA SER F 53 20.13 9.89 -26.28
C SER F 53 21.17 9.16 -25.42
N ALA F 54 20.74 8.11 -24.74
CA ALA F 54 21.61 7.44 -23.78
C ALA F 54 22.64 6.54 -24.47
N THR F 55 23.90 6.68 -24.09
CA THR F 55 24.88 5.67 -24.42
C THR F 55 25.06 4.74 -23.23
N GLU F 56 25.47 3.51 -23.53
CA GLU F 56 25.73 2.51 -22.51
C GLU F 56 27.17 2.04 -22.56
N HIS F 57 27.90 2.28 -21.49
CA HIS F 57 29.26 1.77 -21.30
C HIS F 57 29.36 1.00 -19.98
N TYR F 58 30.38 0.18 -19.86
CA TYR F 58 30.70 -0.47 -18.58
C TYR F 58 31.73 0.34 -17.82
N GLU F 59 31.34 0.86 -16.65
CA GLU F 59 32.16 1.60 -15.68
C GLU F 59 32.55 3.02 -16.07
N SER F 60 33.09 3.21 -17.27
CA SER F 60 33.53 4.50 -17.76
C SER F 60 33.01 4.78 -19.18
N ASN F 61 32.80 6.07 -19.47
CA ASN F 61 32.47 6.46 -20.84
C ASN F 61 33.59 6.13 -21.83
N ASN F 62 34.84 6.06 -21.36
CA ASN F 62 35.97 5.72 -22.21
C ASN F 62 36.04 4.25 -22.63
N ASN F 63 35.20 3.35 -22.11
CA ASN F 63 35.27 1.95 -22.51
C ASN F 63 34.41 1.65 -23.74
N LYS F 64 34.49 0.41 -24.23
CA LYS F 64 33.72 -0.03 -25.39
C LYS F 64 32.23 0.22 -25.24
N LEU F 65 31.65 0.77 -26.30
CA LEU F 65 30.22 1.03 -26.40
C LEU F 65 29.40 -0.26 -26.48
N LEU F 66 28.46 -0.41 -25.53
CA LEU F 66 27.60 -1.58 -25.43
C LEU F 66 26.28 -1.33 -26.16
N ASN F 67 25.70 -0.13 -26.01
CA ASN F 67 24.44 0.33 -26.63
C ASN F 67 24.37 1.84 -26.81
N LYS F 68 23.78 2.22 -27.93
CA LYS F 68 23.34 3.58 -28.18
C LYS F 68 21.82 3.47 -28.26
N PHE F 69 21.09 4.36 -27.59
CA PHE F 69 19.64 4.24 -27.55
C PHE F 69 18.99 5.36 -28.37
N ASN F 70 17.90 5.06 -29.07
CA ASN F 70 17.29 6.08 -29.94
C ASN F 70 16.00 6.66 -29.42
N SER F 71 15.41 6.09 -28.37
CA SER F 71 14.31 6.72 -27.66
C SER F 71 14.68 6.82 -26.18
N ASP F 72 13.73 7.33 -25.39
CA ASP F 72 13.92 7.43 -23.96
C ASP F 72 14.15 6.04 -23.33
N VAL F 73 15.16 5.96 -22.45
CA VAL F 73 15.42 4.79 -21.59
C VAL F 73 14.98 5.10 -20.16
N PHE F 74 14.29 4.15 -19.55
CA PHE F 74 13.83 4.24 -18.17
C PHE F 74 14.71 3.34 -17.32
N LEU F 75 15.15 3.82 -16.15
CA LEU F 75 16.08 3.05 -15.30
C LEU F 75 15.48 2.98 -13.91
N ARG F 76 15.49 1.77 -13.32
CA ARG F 76 14.98 1.52 -11.96
C ARG F 76 15.83 2.16 -10.86
N GLY F 77 15.20 3.06 -10.10
CA GLY F 77 15.86 3.64 -8.95
C GLY F 77 16.43 2.66 -7.95
N THR F 78 15.82 1.49 -7.79
CA THR F 78 16.37 0.58 -6.82
C THR F 78 17.72 0.07 -7.26
N GLN F 79 17.99 0.16 -8.56
CA GLN F 79 19.24 -0.34 -9.11
C GLN F 79 20.27 0.76 -9.34
N VAL F 80 19.91 2.01 -9.05
CA VAL F 80 20.76 3.16 -9.32
C VAL F 80 21.78 3.34 -8.20
N MET F 81 23.06 3.43 -8.57
CA MET F 81 24.12 3.68 -7.61
C MET F 81 24.39 5.17 -7.53
N TYR F 82 24.56 5.82 -8.68
CA TYR F 82 24.69 7.27 -8.64
C TYR F 82 24.13 7.95 -9.88
N ILE F 83 23.89 9.24 -9.74
CA ILE F 83 23.56 10.12 -10.85
C ILE F 83 24.46 11.34 -10.71
N SER F 84 25.13 11.77 -11.79
CA SER F 84 26.00 12.95 -11.67
C SER F 84 25.89 13.80 -12.92
N GLU F 85 26.12 15.12 -12.76
CA GLU F 85 26.21 15.99 -13.93
C GLU F 85 27.39 15.57 -14.79
N GLN F 86 27.17 15.58 -16.09
CA GLN F 86 28.27 15.44 -17.02
C GLN F 86 28.75 16.83 -17.44
N LYS F 87 30.07 17.07 -17.28
CA LYS F 87 30.73 18.29 -17.72
C LYS F 87 32.07 17.84 -18.33
N ILE F 88 31.94 17.22 -19.52
CA ILE F 88 33.03 16.59 -20.28
C ILE F 88 32.43 15.84 -21.48
N ALA G 29 16.32 -1.31 21.85
CA ALA G 29 15.65 -2.60 21.83
C ALA G 29 16.43 -3.66 22.65
N ILE G 30 17.29 -4.42 21.99
CA ILE G 30 17.88 -5.64 22.56
C ILE G 30 19.32 -5.44 23.06
N LEU G 31 20.17 -4.74 22.30
CA LEU G 31 21.54 -4.44 22.74
C LEU G 31 21.81 -2.97 23.01
N ASP G 32 22.05 -2.68 24.29
CA ASP G 32 22.42 -1.36 24.81
C ASP G 32 23.91 -1.16 24.54
N LEU G 33 24.24 -0.33 23.55
CA LEU G 33 25.63 -0.10 23.15
C LEU G 33 26.42 0.64 24.21
N ALA G 34 25.75 1.19 25.21
CA ALA G 34 26.45 1.93 26.25
C ALA G 34 27.48 1.04 26.90
N LYS G 35 27.20 -0.26 27.04
CA LYS G 35 28.21 -1.08 27.68
C LYS G 35 29.48 -1.16 26.82
N TYR G 36 29.36 -0.89 25.54
CA TYR G 36 30.42 -0.95 24.54
C TYR G 36 30.93 0.43 24.15
N LYS G 37 30.43 1.49 24.78
CA LYS G 37 30.67 2.91 24.49
C LYS G 37 32.05 3.52 24.56
N ASP G 38 33.14 2.73 24.59
CA ASP G 38 34.49 3.34 24.64
C ASP G 38 35.60 2.31 24.53
N SER G 39 35.28 1.10 24.11
CA SER G 39 36.28 0.09 23.78
C SER G 39 36.27 -0.28 22.30
N LYS G 40 37.34 -0.97 21.92
CA LYS G 40 37.49 -1.44 20.55
C LYS G 40 36.54 -2.63 20.34
N ILE G 41 35.69 -2.50 19.30
CA ILE G 41 34.75 -3.52 18.84
C ILE G 41 35.11 -4.01 17.45
N ARG G 42 34.55 -5.18 17.14
CA ARG G 42 34.68 -5.88 15.86
C ARG G 42 33.30 -5.86 15.23
N VAL G 43 33.21 -5.35 14.00
CA VAL G 43 31.93 -5.17 13.35
C VAL G 43 32.01 -5.78 11.97
N LYS G 44 31.24 -6.84 11.71
CA LYS G 44 31.16 -7.38 10.35
C LYS G 44 30.09 -6.62 9.59
N LEU G 45 30.32 -6.41 8.28
CA LEU G 45 29.42 -5.67 7.40
C LEU G 45 29.07 -6.43 6.13
N MET G 46 27.85 -6.09 5.66
CA MET G 46 27.11 -6.75 4.58
C MET G 46 27.92 -7.02 3.31
N GLY G 47 28.70 -6.06 2.85
CA GLY G 47 29.35 -6.39 1.61
C GLY G 47 30.61 -7.21 1.75
N GLY G 48 30.90 -7.75 2.94
CA GLY G 48 32.05 -8.58 3.13
C GLY G 48 33.08 -7.94 4.01
N LYS G 49 32.92 -6.64 4.25
CA LYS G 49 33.90 -5.85 4.98
C LYS G 49 33.92 -6.14 6.47
N LEU G 50 35.12 -6.07 7.08
CA LEU G 50 35.24 -6.18 8.52
C LEU G 50 35.88 -4.89 9.02
N VAL G 51 35.38 -4.35 10.12
CA VAL G 51 35.87 -3.07 10.64
C VAL G 51 36.10 -3.15 12.15
N ILE G 52 37.23 -2.60 12.61
CA ILE G 52 37.55 -2.62 14.04
C ILE G 52 37.88 -1.21 14.49
N GLY G 53 37.34 -0.81 15.64
CA GLY G 53 37.63 0.53 16.10
C GLY G 53 36.99 0.76 17.44
N VAL G 54 37.27 1.92 18.02
CA VAL G 54 36.74 2.25 19.34
C VAL G 54 35.39 2.88 19.16
N LEU G 55 34.41 2.41 19.91
CA LEU G 55 33.07 2.95 19.75
C LEU G 55 32.98 4.28 20.48
N LYS G 56 32.73 5.35 19.75
CA LYS G 56 32.56 6.70 20.27
C LYS G 56 31.10 7.07 20.41
N GLY G 57 30.26 6.57 19.51
CA GLY G 57 28.86 6.89 19.71
C GLY G 57 28.00 6.09 18.77
N TYR G 58 26.70 6.27 18.93
CA TYR G 58 25.75 5.44 18.21
C TYR G 58 24.38 6.04 18.33
N ASP G 59 23.43 5.47 17.56
CA ASP G 59 22.03 5.84 17.62
C ASP G 59 21.19 4.56 17.66
N GLN G 60 19.87 4.76 17.74
CA GLN G 60 18.91 3.65 17.79
C GLN G 60 18.92 2.81 16.51
N LEU G 61 19.20 3.43 15.38
CA LEU G 61 19.29 2.70 14.14
C LEU G 61 20.61 2.00 13.99
N MET G 62 21.43 2.01 15.03
CA MET G 62 22.74 1.37 15.03
C MET G 62 23.72 1.96 13.99
N ASN G 63 23.50 3.19 13.51
CA ASN G 63 24.64 3.91 12.96
C ASN G 63 25.68 4.05 14.08
N LEU G 64 26.97 3.97 13.73
CA LEU G 64 28.02 4.07 14.73
C LEU G 64 29.08 5.10 14.36
N VAL G 65 29.63 5.75 15.40
CA VAL G 65 30.87 6.54 15.33
C VAL G 65 32.00 5.72 15.96
N LEU G 66 32.99 5.35 15.14
CA LEU G 66 34.19 4.63 15.52
C LEU G 66 35.43 5.49 15.34
N ASP G 67 36.32 5.41 16.31
CA ASP G 67 37.65 6.02 16.24
C ASP G 67 38.69 4.94 16.05
N ASP G 68 39.89 5.36 15.64
CA ASP G 68 40.99 4.45 15.31
C ASP G 68 40.54 3.34 14.35
N THR G 69 39.79 3.71 13.31
CA THR G 69 39.14 2.70 12.47
C THR G 69 40.12 2.00 11.54
N VAL G 70 40.07 0.66 11.55
CA VAL G 70 40.74 -0.16 10.54
C VAL G 70 39.71 -0.91 9.72
N GLU G 71 39.88 -0.91 8.39
CA GLU G 71 38.98 -1.57 7.46
C GLU G 71 39.73 -2.73 6.82
N TYR G 72 39.22 -3.94 7.02
CA TYR G 72 39.73 -5.17 6.43
C TYR G 72 38.85 -5.69 5.30
N MET G 73 39.46 -6.21 4.25
CA MET G 73 38.67 -6.70 3.13
C MET G 73 38.89 -8.21 3.08
N SER G 74 37.97 -8.93 2.44
CA SER G 74 38.16 -10.38 2.24
C SER G 74 38.29 -10.81 0.77
N ILE G 85 42.96 -11.51 5.48
CA ILE G 85 43.92 -11.53 6.58
C ILE G 85 44.50 -10.12 6.80
N SER G 86 45.60 -10.05 7.58
CA SER G 86 46.19 -8.77 7.98
C SER G 86 46.71 -7.93 6.81
N LYS G 87 47.25 -8.55 5.74
CA LYS G 87 47.77 -7.74 4.63
C LYS G 87 46.68 -6.93 3.96
N ASN G 88 45.44 -7.40 4.00
CA ASN G 88 44.32 -6.65 3.44
C ASN G 88 43.83 -5.66 4.51
N ALA G 89 44.68 -4.69 4.86
CA ALA G 89 44.32 -3.67 5.85
C ALA G 89 44.47 -2.23 5.36
N ARG G 90 43.43 -1.42 5.58
CA ARG G 90 43.44 0.03 5.38
C ARG G 90 43.10 0.75 6.67
N LYS G 91 43.81 1.85 6.95
CA LYS G 91 43.49 2.76 8.04
C LYS G 91 42.54 3.87 7.59
N LEU G 92 41.55 4.19 8.42
CA LEU G 92 40.52 5.19 8.08
C LEU G 92 40.32 6.27 9.14
N GLY G 93 40.83 6.07 10.34
CA GLY G 93 40.67 7.05 11.41
C GLY G 93 39.26 7.15 11.94
N LEU G 94 38.73 8.38 11.97
CA LEU G 94 37.38 8.59 12.50
C LEU G 94 36.34 8.28 11.43
N THR G 95 35.36 7.45 11.76
CA THR G 95 34.39 7.01 10.77
C THR G 95 33.01 6.81 11.39
N VAL G 96 32.05 6.67 10.49
CA VAL G 96 30.66 6.40 10.78
C VAL G 96 30.32 5.16 9.98
N ILE G 97 29.80 4.14 10.65
CA ILE G 97 29.41 2.94 9.92
C ILE G 97 27.91 3.07 9.83
N ARG G 98 27.38 2.83 8.64
CA ARG G 98 25.95 2.92 8.47
C ARG G 98 25.27 1.72 9.11
N GLY G 99 24.32 1.99 10.02
CA GLY G 99 23.55 0.96 10.70
C GLY G 99 22.78 0.01 9.80
N THR G 100 22.52 0.43 8.57
CA THR G 100 21.70 -0.36 7.67
C THR G 100 22.40 -1.60 7.17
N ILE G 101 23.72 -1.58 7.03
CA ILE G 101 24.47 -2.73 6.51
C ILE G 101 25.17 -3.53 7.60
N LEU G 102 24.93 -3.24 8.88
CA LEU G 102 25.61 -3.99 9.93
C LEU G 102 25.02 -5.38 9.99
N VAL G 103 25.89 -6.38 10.00
CA VAL G 103 25.42 -7.74 10.16
C VAL G 103 25.87 -8.38 11.47
N SER G 104 27.06 -8.06 11.98
CA SER G 104 27.25 -8.49 13.37
C SER G 104 28.17 -7.57 14.13
N LEU G 105 28.00 -7.57 15.44
CA LEU G 105 28.81 -6.78 16.36
C LEU G 105 29.33 -7.65 17.50
N SER G 106 30.58 -7.42 17.88
CA SER G 106 31.10 -8.04 19.09
C SER G 106 32.22 -7.22 19.72
N SER G 107 32.59 -7.63 20.93
CA SER G 107 33.75 -7.13 21.66
C SER G 107 35.09 -7.42 20.96
N ALA G 108 36.06 -6.55 21.19
CA ALA G 108 37.42 -6.80 20.71
C ALA G 108 38.49 -6.32 21.72
N SER H 4 -7.35 -16.15 -0.20
CA SER H 4 -6.18 -16.07 0.68
C SER H 4 -5.28 -17.28 0.43
N ALA H 5 -3.95 -17.08 0.50
CA ALA H 5 -2.98 -18.17 0.29
C ALA H 5 -2.10 -18.32 1.52
N THR H 6 -2.55 -19.12 2.47
CA THR H 6 -1.79 -19.33 3.70
C THR H 6 -1.12 -20.69 3.64
N LEU H 7 -0.15 -20.88 4.53
CA LEU H 7 0.53 -22.15 4.65
C LEU H 7 -0.10 -22.96 5.77
N LYS H 8 -1.41 -22.78 5.94
CA LYS H 8 -2.17 -23.48 6.95
C LYS H 8 -2.22 -24.96 6.60
N ASP H 9 -2.84 -25.26 5.45
CA ASP H 9 -3.02 -26.62 4.91
C ASP H 9 -1.77 -27.49 5.00
N TYR H 10 -0.58 -26.89 5.09
CA TYR H 10 0.67 -27.66 5.12
C TYR H 10 1.15 -27.93 6.53
N LEU H 11 0.44 -27.47 7.57
CA LEU H 11 0.90 -27.68 8.92
C LEU H 11 0.91 -29.15 9.36
N ASN H 12 1.99 -29.55 10.02
CA ASN H 12 2.16 -30.90 10.55
C ASN H 12 1.98 -31.96 9.47
N LYS H 13 2.48 -31.66 8.29
CA LYS H 13 2.43 -32.56 7.15
C LYS H 13 3.81 -32.52 6.54
N ARG H 14 4.18 -33.58 5.83
CA ARG H 14 5.51 -33.62 5.25
C ARG H 14 5.59 -32.64 4.07
N VAL H 15 6.73 -31.94 3.96
CA VAL H 15 6.92 -30.88 2.97
C VAL H 15 8.31 -30.94 2.35
N VAL H 16 8.40 -30.43 1.13
CA VAL H 16 9.64 -30.29 0.38
C VAL H 16 9.91 -28.81 0.30
N ILE H 17 11.07 -28.37 0.78
CA ILE H 17 11.52 -26.98 0.75
C ILE H 17 12.70 -26.78 -0.19
N ILE H 18 12.61 -25.78 -1.06
CA ILE H 18 13.73 -25.37 -1.89
C ILE H 18 14.22 -24.05 -1.32
N LYS H 19 15.46 -24.01 -0.86
CA LYS H 19 16.08 -22.77 -0.45
C LYS H 19 16.83 -22.15 -1.62
N VAL H 20 16.79 -20.81 -1.68
CA VAL H 20 17.46 -19.91 -2.63
C VAL H 20 18.88 -20.34 -2.96
N ASP H 21 19.56 -21.05 -2.05
CA ASP H 21 20.89 -21.54 -2.38
C ASP H 21 20.82 -22.63 -3.43
N GLY H 22 19.68 -23.29 -3.56
CA GLY H 22 19.46 -24.34 -4.52
C GLY H 22 19.64 -25.62 -3.74
N GLU H 23 19.04 -25.66 -2.56
CA GLU H 23 19.05 -26.88 -1.79
C GLU H 23 17.66 -27.31 -1.37
N CYS H 24 17.29 -28.56 -1.74
CA CYS H 24 16.03 -29.17 -1.32
C CYS H 24 16.12 -29.71 0.10
N LEU H 25 14.95 -29.81 0.73
CA LEU H 25 14.84 -30.28 2.10
C LEU H 25 13.54 -31.05 2.26
N ILE H 26 13.62 -32.18 2.92
CA ILE H 26 12.43 -32.90 3.35
C ILE H 26 12.22 -32.53 4.80
N ALA H 27 11.00 -32.23 5.16
CA ALA H 27 10.83 -31.75 6.53
C ALA H 27 9.39 -31.90 6.94
N SER H 28 9.10 -31.41 8.13
CA SER H 28 7.76 -31.35 8.67
C SER H 28 7.63 -29.93 9.16
N LEU H 29 6.61 -29.22 8.69
CA LEU H 29 6.54 -27.80 8.99
C LEU H 29 5.66 -27.66 10.22
N ASN H 30 6.33 -27.46 11.36
CA ASN H 30 5.65 -27.28 12.63
C ASN H 30 5.03 -25.89 12.77
N GLY H 31 5.70 -24.84 12.27
CA GLY H 31 5.20 -23.47 12.39
C GLY H 31 5.66 -22.53 11.29
N PHE H 32 4.92 -21.42 11.12
CA PHE H 32 5.26 -20.42 10.11
C PHE H 32 4.71 -19.06 10.56
N ASP H 33 5.33 -17.97 10.07
CA ASP H 33 4.86 -16.60 10.32
C ASP H 33 4.52 -15.89 9.00
N LYS H 34 4.10 -14.63 9.08
CA LYS H 34 3.67 -13.94 7.86
C LYS H 34 4.82 -13.40 7.04
N ASN H 35 6.02 -13.93 7.29
CA ASN H 35 7.23 -13.65 6.54
C ASN H 35 7.81 -14.96 6.02
N THR H 36 6.96 -15.97 5.94
CA THR H 36 7.29 -17.36 5.71
C THR H 36 8.56 -17.81 6.42
N ASN H 37 8.80 -17.34 7.65
CA ASN H 37 9.86 -17.91 8.47
C ASN H 37 9.43 -19.31 8.88
N LEU H 38 10.07 -20.31 8.30
CA LEU H 38 9.75 -21.72 8.47
C LEU H 38 10.26 -22.35 9.78
N PHE H 39 9.37 -22.70 10.70
CA PHE H 39 9.79 -23.50 11.84
C PHE H 39 9.54 -24.95 11.42
N ILE H 40 10.60 -25.78 11.34
CA ILE H 40 10.45 -27.13 10.81
C ILE H 40 11.26 -28.14 11.64
N THR H 41 10.87 -29.42 11.52
CA THR H 41 11.43 -30.55 12.26
C THR H 41 11.60 -31.76 11.36
N ASN H 42 12.56 -32.62 11.75
CA ASN H 42 12.90 -33.87 11.07
C ASN H 42 13.30 -33.58 9.64
N VAL H 43 14.17 -32.64 9.49
CA VAL H 43 14.67 -32.24 8.19
C VAL H 43 15.82 -33.15 7.76
N PHE H 44 15.91 -33.38 6.45
CA PHE H 44 17.02 -34.09 5.84
C PHE H 44 17.03 -33.68 4.38
N ASN H 45 18.17 -33.85 3.74
CA ASN H 45 18.34 -33.41 2.37
C ASN H 45 17.54 -34.21 1.35
N ARG H 46 18.14 -34.52 0.21
CA ARG H 46 17.53 -35.28 -0.85
C ARG H 46 18.60 -35.71 -1.89
N LYS H 49 20.97 -37.43 0.94
CA LYS H 49 19.68 -37.65 1.60
C LYS H 49 19.80 -38.28 2.99
N GLU H 50 20.67 -37.73 3.81
CA GLU H 50 20.95 -38.18 5.16
C GLU H 50 20.34 -37.22 6.17
N PHE H 51 19.83 -37.75 7.28
CA PHE H 51 19.19 -36.82 8.20
C PHE H 51 20.23 -35.91 8.81
N ILE H 52 19.97 -34.62 8.63
CA ILE H 52 20.79 -33.51 9.11
C ILE H 52 20.45 -33.20 10.55
N CYS H 53 19.19 -33.41 10.92
CA CYS H 53 18.66 -32.81 12.12
C CYS H 53 17.17 -32.96 12.31
N LYS H 54 16.72 -32.60 13.50
CA LYS H 54 15.33 -32.39 13.80
C LYS H 54 15.23 -31.12 14.63
N ALA H 55 14.51 -30.13 14.09
CA ALA H 55 14.27 -28.79 14.64
C ALA H 55 15.25 -27.77 14.10
N GLN H 56 14.80 -26.94 13.17
CA GLN H 56 15.55 -25.77 12.74
C GLN H 56 14.58 -24.69 12.29
N LEU H 57 15.06 -23.44 12.40
CA LEU H 57 14.40 -22.24 11.91
C LEU H 57 14.99 -21.84 10.57
N LEU H 58 14.15 -21.72 9.57
CA LEU H 58 14.65 -21.29 8.29
C LEU H 58 14.09 -19.89 8.19
N ARG H 59 14.86 -18.98 7.66
CA ARG H 59 14.38 -17.62 7.61
C ARG H 59 13.66 -17.43 6.31
N GLY H 60 12.49 -16.78 6.37
CA GLY H 60 11.67 -16.60 5.17
C GLY H 60 12.42 -16.03 3.97
N SER H 61 13.36 -15.13 4.22
CA SER H 61 14.12 -14.50 3.13
C SER H 61 14.80 -15.52 2.24
N GLU H 62 15.23 -16.63 2.82
CA GLU H 62 15.97 -17.69 2.16
C GLU H 62 15.08 -18.81 1.56
N ILE H 63 13.80 -18.87 1.88
CA ILE H 63 12.84 -19.79 1.27
C ILE H 63 12.40 -19.41 -0.14
N ALA H 64 12.57 -20.32 -1.10
CA ALA H 64 12.04 -20.17 -2.45
C ALA H 64 10.72 -20.87 -2.68
N LEU H 65 10.48 -22.01 -2.01
CA LEU H 65 9.42 -22.94 -2.41
C LEU H 65 9.06 -24.05 -1.42
N VAL H 66 7.78 -24.15 -1.05
CA VAL H 66 7.27 -25.24 -0.24
C VAL H 66 6.30 -26.10 -1.05
N GLY H 67 6.50 -27.41 -1.06
CA GLY H 67 5.61 -28.31 -1.79
C GLY H 67 5.02 -29.36 -0.86
N LEU H 68 3.74 -29.63 -1.07
CA LEU H 68 2.92 -30.54 -0.26
C LEU H 68 3.05 -31.94 -0.84
N ILE H 69 3.45 -32.91 -0.02
CA ILE H 69 3.62 -34.28 -0.49
C ILE H 69 2.70 -35.22 0.28
N ASP H 70 2.39 -36.38 -0.34
CA ASP H 70 1.20 -37.21 -0.11
C ASP H 70 1.37 -38.36 0.88
N ALA H 71 2.40 -39.20 0.71
CA ALA H 71 2.53 -40.45 1.49
C ALA H 71 3.34 -40.26 2.76
N LEU H 77 7.25 -41.56 4.01
CA LEU H 77 7.75 -40.51 3.11
C LEU H 77 8.04 -41.04 1.70
N ALA H 78 8.60 -42.26 1.62
CA ALA H 78 8.87 -42.92 0.34
C ALA H 78 7.52 -43.08 -0.38
N PRO H 79 7.46 -42.98 -1.75
CA PRO H 79 8.36 -42.85 -2.93
C PRO H 79 9.25 -41.57 -3.08
N ILE H 80 10.52 -41.94 -3.32
CA ILE H 80 11.50 -41.49 -4.38
C ILE H 80 12.88 -41.07 -3.77
N ASP H 81 13.85 -40.94 -4.68
CA ASP H 81 15.23 -40.55 -4.43
C ASP H 81 15.87 -40.20 -5.76
N GLU H 82 16.97 -39.42 -5.71
CA GLU H 82 17.65 -38.98 -6.94
C GLU H 82 19.05 -38.46 -6.66
N LYS H 83 19.96 -38.58 -7.68
CA LYS H 83 21.35 -38.14 -7.54
C LYS H 83 22.14 -37.82 -8.82
N LYS H 84 21.65 -38.20 -10.00
CA LYS H 84 22.31 -37.91 -11.28
C LYS H 84 21.66 -36.73 -12.03
N VAL H 85 21.23 -35.72 -11.29
CA VAL H 85 20.49 -34.55 -11.80
C VAL H 85 21.40 -33.32 -11.84
N PRO H 86 21.38 -32.54 -12.94
CA PRO H 86 22.25 -31.36 -13.08
C PRO H 86 22.40 -30.43 -11.88
N MET H 87 21.76 -30.72 -10.73
CA MET H 87 21.92 -29.91 -9.52
C MET H 87 21.32 -28.52 -9.69
N LEU H 88 20.29 -28.22 -8.91
CA LEU H 88 19.51 -27.01 -9.10
C LEU H 88 20.27 -25.78 -8.61
N LYS H 89 19.99 -24.68 -9.28
CA LYS H 89 20.70 -23.42 -9.10
C LYS H 89 20.18 -22.59 -7.94
N ASP H 90 20.67 -21.36 -7.85
CA ASP H 90 20.18 -20.40 -6.88
C ASP H 90 19.31 -19.36 -7.57
N THR H 91 18.58 -18.62 -6.74
CA THR H 91 17.70 -17.59 -7.26
C THR H 91 18.51 -16.43 -7.82
N LYS H 92 19.70 -16.21 -7.34
CA LYS H 92 20.52 -15.16 -7.94
C LYS H 92 20.94 -15.59 -9.34
N ASN H 93 21.14 -14.61 -10.19
CA ASN H 93 21.59 -14.76 -11.55
C ASN H 93 22.84 -13.94 -11.79
N LYS H 94 23.73 -13.95 -10.80
CA LYS H 94 25.04 -13.33 -10.87
C LYS H 94 25.83 -14.18 -11.85
N ILE H 95 25.74 -13.82 -13.14
CA ILE H 95 26.41 -14.55 -14.19
C ILE H 95 27.93 -14.42 -14.03
N GLU H 96 28.57 -13.43 -14.64
CA GLU H 96 29.99 -13.20 -14.32
C GLU H 96 30.52 -11.93 -14.96
N ASN H 97 30.66 -11.96 -16.27
CA ASN H 97 31.22 -10.83 -17.00
C ASN H 97 30.12 -10.41 -17.94
N GLU H 98 29.02 -9.96 -17.37
CA GLU H 98 27.85 -9.61 -18.16
C GLU H 98 28.22 -8.60 -19.23
N HIS H 99 29.06 -7.62 -18.86
CA HIS H 99 29.48 -6.57 -19.77
C HIS H 99 30.19 -7.15 -20.99
N VAL H 100 31.02 -8.18 -20.78
CA VAL H 100 31.67 -8.86 -21.89
C VAL H 100 30.61 -9.38 -22.86
N ILE H 101 29.57 -10.01 -22.33
CA ILE H 101 28.46 -10.52 -23.13
C ILE H 101 27.73 -9.39 -23.87
N TRP H 102 27.61 -8.22 -23.24
CA TRP H 102 26.89 -7.11 -23.87
C TRP H 102 27.69 -6.49 -25.00
N GLU H 103 29.04 -6.42 -24.86
CA GLU H 103 29.83 -5.92 -25.98
C GLU H 103 29.86 -6.94 -27.11
N LYS H 104 29.88 -8.23 -26.77
CA LYS H 104 29.76 -9.24 -27.81
C LYS H 104 28.46 -9.04 -28.58
N VAL H 105 27.36 -8.78 -27.87
CA VAL H 105 26.07 -8.52 -28.54
C VAL H 105 26.11 -7.24 -29.36
N TYR H 106 26.87 -6.25 -28.91
CA TYR H 106 26.98 -5.02 -29.69
C TYR H 106 27.63 -5.28 -31.03
N GLU H 107 28.83 -5.89 -31.03
CA GLU H 107 29.53 -6.18 -32.29
C GLU H 107 28.76 -7.20 -33.12
N SER H 108 28.00 -8.10 -32.47
CA SER H 108 27.15 -9.03 -33.18
C SER H 108 26.11 -8.28 -34.00
N LYS H 109 25.67 -7.12 -33.50
CA LYS H 109 24.72 -6.27 -34.21
C LYS H 109 25.46 -5.20 -34.99
N THR H 110 26.62 -5.59 -35.54
CA THR H 110 27.50 -4.74 -36.34
C THR H 110 28.35 -5.60 -37.27
O5' 9QV I 83 15.41 -6.08 -6.27
C5' 9QV I 83 16.67 -6.54 -6.72
C4' 9QV I 83 17.20 -7.66 -5.86
O4' 9QV I 83 16.38 -8.85 -6.06
C1' 9QV I 83 17.20 -9.99 -6.04
N1 9QV I 83 17.17 -10.63 -7.38
C6 9QV I 83 16.61 -10.02 -8.45
C5 9QV I 83 16.59 -10.62 -9.64
C4 9QV I 83 17.16 -11.92 -9.84
O4 9QV I 83 17.20 -12.57 -10.88
N3 9QV I 83 17.70 -12.45 -8.72
C2 9QV I 83 17.74 -11.88 -7.50
O2 9QV I 83 18.26 -12.47 -6.58
C2' 9QV I 83 18.59 -9.53 -5.66
O2' 9QV I 83 18.68 -9.47 -4.24
P 9QV I 83 15.07 -4.54 -6.41
O3P 9QV I 83 20.25 -9.88 -2.12
O2P 9QV I 83 20.87 -8.12 -3.52
O1P 9QV I 83 21.23 -10.25 -4.19
C3' 9QV I 83 18.60 -8.12 -6.21
O3' 9QV I 83 19.66 -7.32 -5.72
P1 9QV I 83 20.13 -9.44 -3.57
OP1 9QV I 83 15.58 -4.00 -5.12
OP2 9QV I 83 15.60 -4.15 -7.75
#